data_7OD2
#
_entry.id   7OD2
#
_entity_poly.entity_id   1
_entity_poly.type   'polypeptide(L)'
_entity_poly.pdbx_seq_one_letter_code
;ACKDYLPKSECTQFRCRTSMKYKYTNCKKTCGTC
;
_entity_poly.pdbx_strand_id   A
#
# COMPACT_ATOMS: atom_id res chain seq x y z
N ALA A 1 12.15 7.82 -1.07
CA ALA A 1 11.70 6.86 -2.11
C ALA A 1 10.26 6.41 -1.84
N CYS A 2 10.02 5.84 -0.66
CA CYS A 2 8.69 5.36 -0.27
C CYS A 2 8.32 5.90 1.12
N LYS A 3 7.09 6.42 1.23
CA LYS A 3 6.57 6.98 2.47
C LYS A 3 5.07 6.72 2.56
N ASP A 4 4.44 7.08 3.67
CA ASP A 4 3.00 6.85 3.82
C ASP A 4 2.17 7.61 2.80
N TYR A 5 1.17 6.92 2.25
CA TYR A 5 0.26 7.51 1.25
C TYR A 5 -0.87 8.27 1.94
N LEU A 6 -1.42 7.65 2.99
CA LEU A 6 -2.55 8.22 3.75
C LEU A 6 -2.81 7.31 4.97
N PRO A 7 -3.88 7.56 5.79
CA PRO A 7 -4.19 6.72 6.95
C PRO A 7 -4.33 5.24 6.58
N LYS A 8 -4.20 4.36 7.57
CA LYS A 8 -4.30 2.91 7.36
C LYS A 8 -5.66 2.51 6.74
N SER A 9 -6.67 3.36 6.87
CA SER A 9 -8.01 3.07 6.34
C SER A 9 -8.03 2.99 4.80
N GLU A 10 -7.12 3.71 4.13
CA GLU A 10 -7.08 3.71 2.66
C GLU A 10 -6.28 2.53 2.10
N CYS A 11 -5.36 1.97 2.90
CA CYS A 11 -4.57 0.82 2.46
C CYS A 11 -4.87 -0.36 3.37
N THR A 12 -5.37 -1.44 2.78
CA THR A 12 -5.73 -2.64 3.53
C THR A 12 -5.09 -3.89 2.93
N GLN A 13 -5.21 -5.01 3.64
CA GLN A 13 -4.67 -6.28 3.18
C GLN A 13 -5.32 -6.71 1.86
N PHE A 14 -6.57 -6.27 1.61
CA PHE A 14 -7.28 -6.61 0.37
C PHE A 14 -6.50 -6.15 -0.86
N ARG A 15 -5.74 -5.07 -0.70
CA ARG A 15 -4.96 -4.50 -1.78
C ARG A 15 -3.76 -5.38 -2.16
N CYS A 16 -3.15 -6.01 -1.15
CA CYS A 16 -1.99 -6.88 -1.37
C CYS A 16 -2.39 -8.19 -2.06
N ARG A 17 -3.70 -8.47 -2.11
CA ARG A 17 -4.21 -9.69 -2.71
C ARG A 17 -4.48 -9.54 -4.21
N THR A 18 -5.22 -8.47 -4.59
CA THR A 18 -5.59 -8.25 -5.99
C THR A 18 -5.01 -6.96 -6.59
N SER A 19 -4.73 -5.95 -5.76
CA SER A 19 -4.24 -4.68 -6.24
C SER A 19 -2.71 -4.58 -6.29
N MET A 20 -2.15 -4.71 -7.49
CA MET A 20 -0.70 -4.60 -7.69
C MET A 20 -0.27 -3.14 -7.55
N LYS A 21 -1.13 -2.22 -8.03
CA LYS A 21 -0.87 -0.78 -7.95
C LYS A 21 -0.67 -0.31 -6.52
N TYR A 22 -1.59 -0.71 -5.63
CA TYR A 22 -1.50 -0.32 -4.24
C TYR A 22 -0.22 -0.82 -3.59
N LYS A 23 0.11 -2.06 -3.85
CA LYS A 23 1.32 -2.67 -3.28
C LYS A 23 2.58 -1.86 -3.53
N TYR A 24 2.72 -1.28 -4.73
CA TYR A 24 3.92 -0.51 -5.07
C TYR A 24 3.73 1.01 -5.07
N THR A 25 2.66 1.49 -5.72
CA THR A 25 2.43 2.94 -5.85
C THR A 25 1.55 3.58 -4.77
N ASN A 26 0.43 2.96 -4.43
CA ASN A 26 -0.48 3.55 -3.43
C ASN A 26 -0.04 3.22 -2.00
N CYS A 27 0.59 2.07 -1.80
CA CYS A 27 1.05 1.65 -0.48
C CYS A 27 2.56 1.45 -0.50
N LYS A 28 3.29 2.47 -0.06
CA LYS A 28 4.75 2.45 -0.04
C LYS A 28 5.29 1.54 1.07
N LYS A 29 4.76 1.65 2.28
CA LYS A 29 5.22 0.83 3.41
C LYS A 29 4.11 -0.08 3.96
N THR A 30 2.85 0.37 3.83
CA THR A 30 1.70 -0.36 4.36
C THR A 30 1.53 -1.78 3.82
N CYS A 31 1.63 -1.97 2.50
CA CYS A 31 1.46 -3.32 1.93
C CYS A 31 2.74 -4.16 2.05
N GLY A 32 3.71 -3.72 2.88
CA GLY A 32 4.94 -4.48 3.07
C GLY A 32 5.84 -4.48 1.84
N THR A 33 5.81 -3.40 1.07
CA THR A 33 6.62 -3.31 -0.15
C THR A 33 7.97 -2.63 0.12
N CYS A 34 7.96 -1.52 0.89
CA CYS A 34 9.17 -0.78 1.22
C CYS A 34 9.59 -1.03 2.66
N ALA A 1 12.13 6.59 -3.38
CA ALA A 1 11.67 6.93 -2.00
C ALA A 1 10.25 6.45 -1.75
N CYS A 2 10.02 5.89 -0.55
CA CYS A 2 8.69 5.38 -0.18
C CYS A 2 8.28 5.93 1.20
N LYS A 3 7.05 6.43 1.28
CA LYS A 3 6.50 6.99 2.51
C LYS A 3 5.00 6.73 2.57
N ASP A 4 4.37 7.05 3.70
CA ASP A 4 2.93 6.80 3.83
C ASP A 4 2.10 7.59 2.83
N TYR A 5 1.09 6.92 2.27
CA TYR A 5 0.19 7.52 1.29
C TYR A 5 -0.95 8.27 1.99
N LEU A 6 -1.49 7.63 3.03
CA LEU A 6 -2.61 8.19 3.81
C LEU A 6 -2.87 7.27 5.02
N PRO A 7 -3.93 7.51 5.85
CA PRO A 7 -4.23 6.65 7.00
C PRO A 7 -4.38 5.18 6.61
N LYS A 8 -4.25 4.28 7.60
CA LYS A 8 -4.36 2.83 7.37
C LYS A 8 -5.71 2.43 6.76
N SER A 9 -6.73 3.30 6.89
CA SER A 9 -8.07 3.02 6.36
C SER A 9 -8.09 2.96 4.81
N GLU A 10 -7.17 3.69 4.15
CA GLU A 10 -7.13 3.69 2.68
C GLU A 10 -6.32 2.53 2.11
N CYS A 11 -5.39 1.96 2.91
CA CYS A 11 -4.59 0.82 2.46
C CYS A 11 -4.87 -0.36 3.37
N THR A 12 -5.37 -1.45 2.78
CA THR A 12 -5.70 -2.66 3.52
C THR A 12 -5.05 -3.89 2.90
N GLN A 13 -5.17 -5.02 3.59
CA GLN A 13 -4.61 -6.27 3.11
C GLN A 13 -5.27 -6.69 1.79
N PHE A 14 -6.52 -6.27 1.56
CA PHE A 14 -7.24 -6.61 0.32
C PHE A 14 -6.46 -6.13 -0.92
N ARG A 15 -5.71 -5.05 -0.74
CA ARG A 15 -4.94 -4.46 -1.82
C ARG A 15 -3.74 -5.34 -2.21
N CYS A 16 -3.11 -5.97 -1.21
CA CYS A 16 -1.96 -6.84 -1.45
C CYS A 16 -2.37 -8.14 -2.15
N ARG A 17 -3.67 -8.44 -2.15
CA ARG A 17 -4.19 -9.65 -2.77
C ARG A 17 -4.53 -9.47 -4.25
N THR A 18 -5.24 -8.38 -4.58
CA THR A 18 -5.68 -8.14 -5.97
C THR A 18 -5.09 -6.86 -6.59
N SER A 19 -4.73 -5.87 -5.76
CA SER A 19 -4.22 -4.60 -6.26
C SER A 19 -2.69 -4.54 -6.28
N MET A 20 -2.11 -4.68 -7.48
CA MET A 20 -0.66 -4.58 -7.65
C MET A 20 -0.22 -3.12 -7.51
N LYS A 21 -1.07 -2.20 -8.01
CA LYS A 21 -0.79 -0.75 -7.93
C LYS A 21 -0.60 -0.29 -6.49
N TYR A 22 -1.52 -0.68 -5.61
CA TYR A 22 -1.45 -0.31 -4.21
C TYR A 22 -0.19 -0.83 -3.56
N LYS A 23 0.16 -2.08 -3.85
CA LYS A 23 1.34 -2.70 -3.26
C LYS A 23 2.61 -1.88 -3.48
N TYR A 24 2.78 -1.30 -4.67
CA TYR A 24 3.99 -0.53 -4.97
C TYR A 24 3.80 0.99 -4.97
N THR A 25 2.74 1.48 -5.64
CA THR A 25 2.53 2.94 -5.79
C THR A 25 1.63 3.58 -4.73
N ASN A 26 0.49 2.97 -4.42
CA ASN A 26 -0.43 3.55 -3.42
C ASN A 26 -0.01 3.25 -1.99
N CYS A 27 0.61 2.09 -1.77
CA CYS A 27 1.08 1.69 -0.44
C CYS A 27 2.58 1.48 -0.45
N LYS A 28 3.31 2.50 -0.03
CA LYS A 28 4.77 2.47 0.01
C LYS A 28 5.30 1.56 1.11
N LYS A 29 4.76 1.69 2.32
CA LYS A 29 5.21 0.86 3.45
C LYS A 29 4.09 -0.04 4.00
N THR A 30 2.84 0.41 3.87
CA THR A 30 1.69 -0.32 4.40
C THR A 30 1.53 -1.74 3.86
N CYS A 31 1.61 -1.93 2.54
CA CYS A 31 1.45 -3.27 1.97
C CYS A 31 2.74 -4.13 2.08
N GLY A 32 3.69 -3.69 2.92
CA GLY A 32 4.93 -4.44 3.12
C GLY A 32 5.84 -4.43 1.90
N THR A 33 5.79 -3.36 1.10
CA THR A 33 6.63 -3.27 -0.09
C THR A 33 7.97 -2.59 0.20
N CYS A 34 7.95 -1.49 0.97
CA CYS A 34 9.17 -0.75 1.33
C CYS A 34 9.54 -0.99 2.79
N ALA A 1 12.01 7.87 -1.82
CA ALA A 1 11.57 6.74 -2.67
C ALA A 1 10.17 6.26 -2.27
N CYS A 2 10.00 5.88 -1.00
CA CYS A 2 8.72 5.40 -0.49
C CYS A 2 8.35 6.13 0.81
N LYS A 3 7.08 6.58 0.89
CA LYS A 3 6.56 7.29 2.06
C LYS A 3 5.09 6.94 2.23
N ASP A 4 4.53 7.23 3.40
CA ASP A 4 3.12 6.89 3.65
C ASP A 4 2.18 7.63 2.70
N TYR A 5 1.16 6.93 2.21
CA TYR A 5 0.18 7.51 1.29
C TYR A 5 -0.92 8.24 2.05
N LEU A 6 -1.42 7.59 3.12
CA LEU A 6 -2.50 8.13 3.95
C LEU A 6 -2.72 7.18 5.13
N PRO A 7 -3.74 7.42 6.01
CA PRO A 7 -4.02 6.54 7.16
C PRO A 7 -4.23 5.08 6.71
N LYS A 8 -4.08 4.15 7.66
CA LYS A 8 -4.25 2.71 7.38
C LYS A 8 -5.63 2.39 6.80
N SER A 9 -6.61 3.26 7.05
CA SER A 9 -7.99 3.06 6.56
C SER A 9 -8.08 3.01 5.02
N GLU A 10 -7.16 3.70 4.32
CA GLU A 10 -7.18 3.72 2.86
C GLU A 10 -6.41 2.56 2.23
N CYS A 11 -5.46 1.97 2.98
CA CYS A 11 -4.70 0.82 2.48
C CYS A 11 -4.99 -0.39 3.36
N THR A 12 -5.51 -1.44 2.74
CA THR A 12 -5.88 -2.66 3.45
C THR A 12 -5.23 -3.89 2.82
N GLN A 13 -5.34 -5.03 3.51
CA GLN A 13 -4.79 -6.29 3.02
C GLN A 13 -5.43 -6.68 1.68
N PHE A 14 -6.68 -6.24 1.43
CA PHE A 14 -7.38 -6.56 0.18
C PHE A 14 -6.57 -6.09 -1.04
N ARG A 15 -5.80 -5.03 -0.85
CA ARG A 15 -4.98 -4.45 -1.92
C ARG A 15 -3.80 -5.34 -2.27
N CYS A 16 -3.19 -5.96 -1.25
CA CYS A 16 -2.03 -6.83 -1.47
C CYS A 16 -2.43 -8.13 -2.16
N ARG A 17 -3.73 -8.43 -2.18
CA ARG A 17 -4.24 -9.66 -2.79
C ARG A 17 -4.55 -9.48 -4.27
N THR A 18 -5.24 -8.39 -4.63
CA THR A 18 -5.66 -8.15 -6.02
C THR A 18 -5.03 -6.90 -6.65
N SER A 19 -4.68 -5.91 -5.83
CA SER A 19 -4.14 -4.65 -6.33
C SER A 19 -2.61 -4.59 -6.30
N MET A 20 -1.99 -4.74 -7.47
CA MET A 20 -0.54 -4.65 -7.60
C MET A 20 -0.09 -3.19 -7.47
N LYS A 21 -0.92 -2.27 -7.98
CA LYS A 21 -0.64 -0.83 -7.92
C LYS A 21 -0.50 -0.35 -6.48
N TYR A 22 -1.47 -0.72 -5.63
CA TYR A 22 -1.45 -0.33 -4.23
C TYR A 22 -0.21 -0.85 -3.53
N LYS A 23 0.15 -2.08 -3.83
CA LYS A 23 1.32 -2.73 -3.20
C LYS A 23 2.58 -1.88 -3.31
N TYR A 24 2.89 -1.37 -4.51
CA TYR A 24 4.13 -0.59 -4.72
C TYR A 24 3.92 0.92 -4.83
N THR A 25 2.88 1.36 -5.54
CA THR A 25 2.66 2.81 -5.76
C THR A 25 1.75 3.50 -4.75
N ASN A 26 0.61 2.89 -4.39
CA ASN A 26 -0.31 3.52 -3.45
C ASN A 26 0.07 3.23 -1.99
N CYS A 27 0.65 2.06 -1.74
CA CYS A 27 1.06 1.67 -0.39
C CYS A 27 2.56 1.40 -0.36
N LYS A 28 3.32 2.42 0.05
CA LYS A 28 4.78 2.33 0.12
C LYS A 28 5.26 1.48 1.30
N LYS A 29 4.64 1.63 2.46
CA LYS A 29 5.02 0.86 3.66
C LYS A 29 3.90 -0.04 4.14
N THR A 30 2.65 0.36 3.92
CA THR A 30 1.50 -0.38 4.41
C THR A 30 1.37 -1.79 3.82
N CYS A 31 1.52 -1.95 2.52
CA CYS A 31 1.39 -3.29 1.91
C CYS A 31 2.68 -4.12 2.04
N GLY A 32 3.63 -3.67 2.88
CA GLY A 32 4.87 -4.40 3.10
C GLY A 32 5.79 -4.39 1.90
N THR A 33 5.77 -3.30 1.13
CA THR A 33 6.62 -3.20 -0.07
C THR A 33 7.97 -2.52 0.24
N CYS A 34 7.93 -1.42 1.01
CA CYS A 34 9.15 -0.68 1.36
C CYS A 34 9.47 -0.84 2.85
N ALA A 1 12.19 6.36 -3.33
CA ALA A 1 11.71 6.90 -2.04
C ALA A 1 10.25 6.53 -1.79
N CYS A 2 9.97 5.95 -0.61
CA CYS A 2 8.62 5.55 -0.24
C CYS A 2 8.25 6.07 1.16
N LYS A 3 7.03 6.59 1.29
CA LYS A 3 6.52 7.13 2.55
C LYS A 3 5.02 6.86 2.64
N ASP A 4 4.40 7.21 3.76
CA ASP A 4 2.96 6.95 3.91
C ASP A 4 2.12 7.71 2.89
N TYR A 5 1.13 7.00 2.33
CA TYR A 5 0.22 7.56 1.34
C TYR A 5 -0.94 8.30 2.02
N LEU A 6 -1.47 7.67 3.07
CA LEU A 6 -2.61 8.21 3.83
C LEU A 6 -2.87 7.29 5.04
N PRO A 7 -3.94 7.52 5.85
CA PRO A 7 -4.24 6.65 7.01
C PRO A 7 -4.36 5.18 6.61
N LYS A 8 -4.23 4.28 7.58
CA LYS A 8 -4.32 2.82 7.33
C LYS A 8 -5.67 2.43 6.73
N SER A 9 -6.69 3.28 6.90
CA SER A 9 -8.03 2.99 6.38
C SER A 9 -8.08 2.92 4.85
N GLU A 10 -7.18 3.63 4.16
CA GLU A 10 -7.18 3.63 2.69
C GLU A 10 -6.35 2.47 2.11
N CYS A 11 -5.41 1.93 2.90
CA CYS A 11 -4.60 0.79 2.44
C CYS A 11 -4.87 -0.41 3.35
N THR A 12 -5.38 -1.49 2.76
CA THR A 12 -5.71 -2.69 3.50
C THR A 12 -5.07 -3.93 2.87
N GLN A 13 -5.17 -5.06 3.57
CA GLN A 13 -4.61 -6.33 3.09
C GLN A 13 -5.25 -6.72 1.75
N PHE A 14 -6.51 -6.30 1.50
CA PHE A 14 -7.19 -6.62 0.24
C PHE A 14 -6.42 -6.09 -0.97
N ARG A 15 -5.68 -5.00 -0.76
CA ARG A 15 -4.90 -4.37 -1.81
C ARG A 15 -3.66 -5.18 -2.19
N CYS A 16 -3.13 -5.97 -1.25
CA CYS A 16 -1.94 -6.77 -1.49
C CYS A 16 -2.26 -8.04 -2.27
N ARG A 17 -3.50 -8.52 -2.15
CA ARG A 17 -3.94 -9.75 -2.82
C ARG A 17 -4.49 -9.50 -4.22
N THR A 18 -5.18 -8.36 -4.43
CA THR A 18 -5.81 -8.07 -5.73
C THR A 18 -5.25 -6.82 -6.43
N SER A 19 -4.70 -5.88 -5.66
CA SER A 19 -4.19 -4.63 -6.25
C SER A 19 -2.66 -4.55 -6.30
N MET A 20 -2.10 -4.72 -7.51
CA MET A 20 -0.65 -4.60 -7.70
C MET A 20 -0.22 -3.14 -7.58
N LYS A 21 -1.09 -2.22 -8.03
CA LYS A 21 -0.82 -0.78 -7.97
C LYS A 21 -0.61 -0.31 -6.53
N TYR A 22 -1.53 -0.69 -5.64
CA TYR A 22 -1.45 -0.30 -4.23
C TYR A 22 -0.18 -0.82 -3.58
N LYS A 23 0.17 -2.06 -3.88
CA LYS A 23 1.36 -2.68 -3.30
C LYS A 23 2.62 -1.84 -3.50
N TYR A 24 2.81 -1.30 -4.70
CA TYR A 24 4.02 -0.50 -5.00
C TYR A 24 3.81 1.02 -5.05
N THR A 25 2.73 1.47 -5.71
CA THR A 25 2.50 2.91 -5.90
C THR A 25 1.61 3.57 -4.84
N ASN A 26 0.49 2.96 -4.47
CA ASN A 26 -0.42 3.57 -3.49
C ASN A 26 -0.01 3.27 -2.04
N CYS A 27 0.59 2.10 -1.81
CA CYS A 27 1.03 1.71 -0.47
C CYS A 27 2.55 1.52 -0.46
N LYS A 28 3.24 2.56 0.00
CA LYS A 28 4.71 2.56 0.05
C LYS A 28 5.24 1.64 1.14
N LYS A 29 4.71 1.73 2.36
CA LYS A 29 5.16 0.89 3.47
C LYS A 29 4.05 -0.02 4.01
N THR A 30 2.80 0.44 3.89
CA THR A 30 1.65 -0.29 4.44
C THR A 30 1.48 -1.71 3.90
N CYS A 31 1.57 -1.90 2.58
CA CYS A 31 1.40 -3.24 2.01
C CYS A 31 2.67 -4.11 2.16
N GLY A 32 3.64 -3.65 2.97
CA GLY A 32 4.86 -4.41 3.18
C GLY A 32 5.76 -4.45 1.96
N THR A 33 5.71 -3.40 1.13
CA THR A 33 6.53 -3.35 -0.08
C THR A 33 7.93 -2.81 0.22
N CYS A 34 8.01 -1.71 0.99
CA CYS A 34 9.30 -1.11 1.36
C CYS A 34 9.74 -1.58 2.75
N ALA A 1 11.95 7.86 -2.00
CA ALA A 1 11.48 6.71 -2.83
C ALA A 1 10.10 6.24 -2.39
N CYS A 2 9.98 5.87 -1.10
CA CYS A 2 8.71 5.40 -0.55
C CYS A 2 8.37 6.14 0.75
N LYS A 3 7.12 6.58 0.86
CA LYS A 3 6.62 7.30 2.03
C LYS A 3 5.15 6.94 2.24
N ASP A 4 4.59 7.26 3.41
CA ASP A 4 3.18 6.93 3.67
C ASP A 4 2.24 7.66 2.71
N TYR A 5 1.23 6.92 2.24
CA TYR A 5 0.25 7.47 1.29
C TYR A 5 -0.87 8.21 2.04
N LEU A 6 -1.36 7.57 3.12
CA LEU A 6 -2.45 8.13 3.93
C LEU A 6 -2.68 7.19 5.13
N PRO A 7 -3.72 7.42 6.00
CA PRO A 7 -4.00 6.54 7.14
C PRO A 7 -4.18 5.08 6.72
N LYS A 8 -4.03 4.16 7.68
CA LYS A 8 -4.17 2.73 7.40
C LYS A 8 -5.55 2.36 6.85
N SER A 9 -6.55 3.24 7.06
CA SER A 9 -7.92 2.99 6.58
C SER A 9 -8.02 2.94 5.05
N GLU A 10 -7.15 3.68 4.34
CA GLU A 10 -7.20 3.71 2.87
C GLU A 10 -6.45 2.54 2.24
N CYS A 11 -5.49 1.94 2.97
CA CYS A 11 -4.74 0.79 2.47
C CYS A 11 -5.04 -0.42 3.33
N THR A 12 -5.56 -1.48 2.71
CA THR A 12 -5.92 -2.69 3.42
C THR A 12 -5.28 -3.92 2.78
N GLN A 13 -5.40 -5.07 3.46
CA GLN A 13 -4.86 -6.33 2.95
C GLN A 13 -5.47 -6.69 1.60
N PHE A 14 -6.72 -6.27 1.35
CA PHE A 14 -7.40 -6.57 0.07
C PHE A 14 -6.57 -6.08 -1.13
N ARG A 15 -5.79 -5.02 -0.90
CA ARG A 15 -4.96 -4.44 -1.95
C ARG A 15 -3.77 -5.33 -2.29
N CYS A 16 -3.17 -5.96 -1.27
CA CYS A 16 -2.03 -6.84 -1.47
C CYS A 16 -2.43 -8.14 -2.16
N ARG A 17 -3.73 -8.43 -2.17
CA ARG A 17 -4.25 -9.65 -2.77
C ARG A 17 -4.58 -9.48 -4.26
N THR A 18 -5.26 -8.37 -4.61
CA THR A 18 -5.68 -8.14 -6.00
C THR A 18 -5.05 -6.88 -6.64
N SER A 19 -4.68 -5.90 -5.82
CA SER A 19 -4.14 -4.64 -6.34
C SER A 19 -2.61 -4.58 -6.29
N MET A 20 -1.98 -4.76 -7.46
CA MET A 20 -0.52 -4.66 -7.56
C MET A 20 -0.07 -3.20 -7.44
N LYS A 21 -0.91 -2.29 -7.98
CA LYS A 21 -0.62 -0.85 -7.92
C LYS A 21 -0.47 -0.36 -6.48
N TYR A 22 -1.44 -0.72 -5.64
CA TYR A 22 -1.41 -0.32 -4.23
C TYR A 22 -0.17 -0.83 -3.53
N LYS A 23 0.20 -2.07 -3.82
CA LYS A 23 1.36 -2.70 -3.19
C LYS A 23 2.63 -1.85 -3.32
N TYR A 24 2.90 -1.33 -4.53
CA TYR A 24 4.12 -0.56 -4.76
C TYR A 24 3.91 0.96 -4.85
N THR A 25 2.86 1.40 -5.55
CA THR A 25 2.63 2.85 -5.77
C THR A 25 1.72 3.52 -4.74
N ASN A 26 0.59 2.90 -4.39
CA ASN A 26 -0.35 3.52 -3.44
C ASN A 26 0.02 3.21 -1.98
N CYS A 27 0.65 2.06 -1.73
CA CYS A 27 1.05 1.66 -0.37
C CYS A 27 2.54 1.39 -0.33
N LYS A 28 3.30 2.40 0.08
CA LYS A 28 4.76 2.31 0.17
C LYS A 28 5.22 1.47 1.37
N LYS A 29 4.58 1.63 2.52
CA LYS A 29 4.95 0.88 3.74
C LYS A 29 3.83 -0.05 4.21
N THR A 30 2.58 0.35 3.95
CA THR A 30 1.42 -0.41 4.42
C THR A 30 1.31 -1.82 3.84
N CYS A 31 1.49 -1.97 2.54
CA CYS A 31 1.37 -3.31 1.93
C CYS A 31 2.68 -4.13 2.06
N GLY A 32 3.62 -3.67 2.92
CA GLY A 32 4.86 -4.40 3.13
C GLY A 32 5.79 -4.38 1.93
N THR A 33 5.80 -3.27 1.19
CA THR A 33 6.65 -3.15 0.01
C THR A 33 7.99 -2.45 0.33
N CYS A 34 7.94 -1.36 1.09
CA CYS A 34 9.14 -0.61 1.47
C CYS A 34 9.45 -0.77 2.96
N ALA A 1 12.06 7.89 -1.28
CA ALA A 1 11.63 6.87 -2.27
C ALA A 1 10.21 6.39 -1.97
N CYS A 2 10.01 5.86 -0.75
CA CYS A 2 8.71 5.35 -0.33
C CYS A 2 8.32 5.93 1.03
N LYS A 3 7.09 6.44 1.12
CA LYS A 3 6.56 7.03 2.35
C LYS A 3 5.07 6.75 2.45
N ASP A 4 4.45 7.07 3.58
CA ASP A 4 3.01 6.81 3.75
C ASP A 4 2.16 7.60 2.76
N TYR A 5 1.14 6.90 2.23
CA TYR A 5 0.22 7.50 1.27
C TYR A 5 -0.91 8.24 1.98
N LEU A 6 -1.43 7.62 3.03
CA LEU A 6 -2.54 8.17 3.83
C LEU A 6 -2.78 7.24 5.04
N PRO A 7 -3.83 7.49 5.88
CA PRO A 7 -4.12 6.62 7.03
C PRO A 7 -4.28 5.16 6.63
N LYS A 8 -4.13 4.25 7.60
CA LYS A 8 -4.26 2.81 7.35
C LYS A 8 -5.63 2.43 6.78
N SER A 9 -6.63 3.30 6.97
CA SER A 9 -7.99 3.05 6.48
C SER A 9 -8.06 2.96 4.95
N GLU A 10 -7.16 3.67 4.23
CA GLU A 10 -7.18 3.66 2.76
C GLU A 10 -6.38 2.51 2.18
N CYS A 11 -5.42 1.96 2.95
CA CYS A 11 -4.62 0.82 2.47
C CYS A 11 -4.93 -0.39 3.36
N THR A 12 -5.43 -1.45 2.75
CA THR A 12 -5.81 -2.66 3.47
C THR A 12 -5.15 -3.90 2.87
N GLN A 13 -5.28 -5.03 3.56
CA GLN A 13 -4.73 -6.30 3.08
C GLN A 13 -5.35 -6.70 1.74
N PHE A 14 -6.60 -6.26 1.47
CA PHE A 14 -7.28 -6.57 0.22
C PHE A 14 -6.48 -6.04 -0.98
N ARG A 15 -5.74 -4.96 -0.76
CA ARG A 15 -4.94 -4.34 -1.80
C ARG A 15 -3.70 -5.16 -2.17
N CYS A 16 -3.20 -5.95 -1.21
CA CYS A 16 -2.00 -6.77 -1.44
C CYS A 16 -2.31 -8.05 -2.21
N ARG A 17 -3.56 -8.51 -2.11
CA ARG A 17 -4.00 -9.73 -2.77
C ARG A 17 -4.53 -9.50 -4.19
N THR A 18 -5.23 -8.37 -4.40
CA THR A 18 -5.83 -8.08 -5.72
C THR A 18 -5.25 -6.84 -6.42
N SER A 19 -4.71 -5.89 -5.66
CA SER A 19 -4.19 -4.65 -6.24
C SER A 19 -2.66 -4.59 -6.30
N MET A 20 -2.11 -4.74 -7.51
CA MET A 20 -0.67 -4.64 -7.70
C MET A 20 -0.22 -3.17 -7.57
N LYS A 21 -1.07 -2.24 -8.05
CA LYS A 21 -0.78 -0.80 -7.98
C LYS A 21 -0.59 -0.35 -6.54
N TYR A 22 -1.52 -0.73 -5.66
CA TYR A 22 -1.44 -0.34 -4.25
C TYR A 22 -0.18 -0.87 -3.59
N LYS A 23 0.15 -2.12 -3.87
CA LYS A 23 1.32 -2.76 -3.28
C LYS A 23 2.60 -1.95 -3.50
N TYR A 24 2.77 -1.39 -4.69
CA TYR A 24 4.00 -0.62 -5.00
C TYR A 24 3.81 0.90 -5.02
N THR A 25 2.77 1.39 -5.70
CA THR A 25 2.56 2.84 -5.86
C THR A 25 1.67 3.50 -4.81
N ASN A 26 0.53 2.91 -4.49
CA ASN A 26 -0.40 3.53 -3.52
C ASN A 26 0.01 3.24 -2.07
N CYS A 27 0.61 2.07 -1.83
CA CYS A 27 1.05 1.69 -0.48
C CYS A 27 2.56 1.46 -0.49
N LYS A 28 3.30 2.48 -0.06
CA LYS A 28 4.76 2.43 -0.03
C LYS A 28 5.28 1.53 1.09
N LYS A 29 4.74 1.67 2.30
CA LYS A 29 5.18 0.86 3.44
C LYS A 29 4.06 -0.04 3.99
N THR A 30 2.80 0.40 3.85
CA THR A 30 1.66 -0.32 4.39
C THR A 30 1.50 -1.74 3.84
N CYS A 31 1.59 -1.94 2.53
CA CYS A 31 1.43 -3.28 1.95
C CYS A 31 2.71 -4.13 2.06
N GLY A 32 3.66 -3.71 2.90
CA GLY A 32 4.90 -4.45 3.10
C GLY A 32 5.82 -4.45 1.90
N THR A 33 5.77 -3.36 1.10
CA THR A 33 6.62 -3.27 -0.09
C THR A 33 7.96 -2.57 0.22
N CYS A 34 7.91 -1.48 0.98
CA CYS A 34 9.12 -0.73 1.35
C CYS A 34 9.44 -0.91 2.83
N ALA A 1 11.73 6.64 -4.12
CA ALA A 1 11.53 6.74 -2.64
C ALA A 1 10.14 6.28 -2.24
N CYS A 2 9.99 5.91 -0.97
CA CYS A 2 8.71 5.44 -0.43
C CYS A 2 8.36 6.18 0.86
N LYS A 3 7.09 6.62 0.97
CA LYS A 3 6.58 7.33 2.13
C LYS A 3 5.10 6.96 2.32
N ASP A 4 4.53 7.27 3.48
CA ASP A 4 3.13 6.93 3.73
C ASP A 4 2.20 7.66 2.77
N TYR A 5 1.18 6.94 2.29
CA TYR A 5 0.21 7.50 1.35
C TYR A 5 -0.91 8.23 2.10
N LEU A 6 -1.40 7.59 3.16
CA LEU A 6 -2.50 8.15 3.99
C LEU A 6 -2.73 7.20 5.18
N PRO A 7 -3.77 7.44 6.04
CA PRO A 7 -4.06 6.56 7.18
C PRO A 7 -4.23 5.09 6.77
N LYS A 8 -4.08 4.18 7.73
CA LYS A 8 -4.22 2.74 7.46
C LYS A 8 -5.59 2.36 6.89
N SER A 9 -6.59 3.23 7.07
CA SER A 9 -7.94 2.96 6.57
C SER A 9 -8.03 2.92 5.05
N GLU A 10 -7.18 3.69 4.35
CA GLU A 10 -7.21 3.72 2.88
C GLU A 10 -6.45 2.56 2.25
N CYS A 11 -5.50 1.96 2.99
CA CYS A 11 -4.74 0.82 2.48
C CYS A 11 -5.05 -0.40 3.34
N THR A 12 -5.55 -1.46 2.71
CA THR A 12 -5.92 -2.68 3.41
C THR A 12 -5.27 -3.91 2.78
N GLN A 13 -5.39 -5.06 3.46
CA GLN A 13 -4.84 -6.31 2.96
C GLN A 13 -5.46 -6.70 1.62
N PHE A 14 -6.71 -6.25 1.36
CA PHE A 14 -7.38 -6.56 0.08
C PHE A 14 -6.56 -6.09 -1.11
N ARG A 15 -5.78 -5.03 -0.90
CA ARG A 15 -4.95 -4.44 -1.96
C ARG A 15 -3.76 -5.34 -2.30
N CYS A 16 -3.16 -5.97 -1.28
CA CYS A 16 -2.01 -6.83 -1.48
C CYS A 16 -2.40 -8.14 -2.19
N ARG A 17 -3.70 -8.43 -2.23
CA ARG A 17 -4.21 -9.66 -2.84
C ARG A 17 -4.49 -9.48 -4.34
N THR A 18 -5.19 -8.39 -4.70
CA THR A 18 -5.57 -8.15 -6.10
C THR A 18 -4.95 -6.88 -6.71
N SER A 19 -4.63 -5.90 -5.88
CA SER A 19 -4.08 -4.63 -6.37
C SER A 19 -2.56 -4.57 -6.32
N MET A 20 -1.93 -4.72 -7.49
CA MET A 20 -0.47 -4.63 -7.60
C MET A 20 -0.03 -3.16 -7.46
N LYS A 21 -0.86 -2.25 -7.99
CA LYS A 21 -0.58 -0.80 -7.92
C LYS A 21 -0.45 -0.33 -6.47
N TYR A 22 -1.42 -0.71 -5.63
CA TYR A 22 -1.40 -0.31 -4.22
C TYR A 22 -0.16 -0.83 -3.52
N LYS A 23 0.21 -2.06 -3.82
CA LYS A 23 1.38 -2.69 -3.18
C LYS A 23 2.65 -1.85 -3.32
N TYR A 24 2.91 -1.32 -4.51
CA TYR A 24 4.14 -0.54 -4.75
C TYR A 24 3.93 0.98 -4.82
N THR A 25 2.90 1.44 -5.53
CA THR A 25 2.69 2.88 -5.72
C THR A 25 1.77 3.55 -4.70
N ASN A 26 0.63 2.94 -4.37
CA ASN A 26 -0.32 3.54 -3.43
C ASN A 26 0.04 3.24 -1.97
N CYS A 27 0.65 2.08 -1.72
CA CYS A 27 1.04 1.68 -0.36
C CYS A 27 2.54 1.41 -0.31
N LYS A 28 3.29 2.43 0.11
CA LYS A 28 4.75 2.34 0.21
C LYS A 28 5.22 1.49 1.40
N LYS A 29 4.57 1.64 2.56
CA LYS A 29 4.94 0.88 3.75
C LYS A 29 3.81 -0.05 4.23
N THR A 30 2.57 0.36 3.98
CA THR A 30 1.42 -0.40 4.44
C THR A 30 1.30 -1.81 3.86
N CYS A 31 1.48 -1.96 2.55
CA CYS A 31 1.37 -3.30 1.94
C CYS A 31 2.66 -4.12 2.08
N GLY A 32 3.59 -3.68 2.93
CA GLY A 32 4.83 -4.40 3.16
C GLY A 32 5.78 -4.37 1.97
N THR A 33 5.78 -3.26 1.22
CA THR A 33 6.65 -3.15 0.04
C THR A 33 7.98 -2.45 0.37
N CYS A 34 7.92 -1.35 1.14
CA CYS A 34 9.12 -0.60 1.54
C CYS A 34 9.41 -0.77 3.02
N ALA A 1 11.73 5.15 -4.72
CA ALA A 1 11.39 5.64 -3.35
C ALA A 1 9.89 5.49 -3.08
N CYS A 2 9.54 5.36 -1.79
CA CYS A 2 8.13 5.21 -1.39
C CYS A 2 7.79 6.20 -0.26
N LYS A 3 6.50 6.57 -0.19
CA LYS A 3 6.01 7.50 0.81
C LYS A 3 4.59 7.10 1.23
N ASP A 4 4.19 7.48 2.45
CA ASP A 4 2.85 7.13 2.93
C ASP A 4 1.77 7.83 2.13
N TYR A 5 0.73 7.08 1.78
CA TYR A 5 -0.39 7.61 1.01
C TYR A 5 -1.43 8.29 1.90
N LEU A 6 -1.76 7.62 3.01
CA LEU A 6 -2.76 8.11 3.97
C LEU A 6 -2.81 7.14 5.17
N PRO A 7 -3.75 7.32 6.15
CA PRO A 7 -3.85 6.42 7.31
C PRO A 7 -3.98 4.95 6.90
N LYS A 8 -3.67 4.05 7.83
CA LYS A 8 -3.72 2.59 7.60
C LYS A 8 -5.10 2.11 7.10
N SER A 9 -6.15 2.90 7.33
CA SER A 9 -7.51 2.51 6.94
C SER A 9 -7.73 2.54 5.41
N GLU A 10 -7.05 3.44 4.69
CA GLU A 10 -7.23 3.54 3.24
C GLU A 10 -6.51 2.43 2.47
N CYS A 11 -5.49 1.82 3.08
CA CYS A 11 -4.75 0.73 2.45
C CYS A 11 -4.92 -0.53 3.30
N THR A 12 -5.46 -1.58 2.70
CA THR A 12 -5.74 -2.83 3.40
C THR A 12 -5.11 -4.03 2.69
N GLN A 13 -5.15 -5.20 3.35
CA GLN A 13 -4.60 -6.42 2.79
C GLN A 13 -5.25 -6.75 1.43
N PHE A 14 -6.49 -6.29 1.20
CA PHE A 14 -7.17 -6.54 -0.08
C PHE A 14 -6.37 -5.98 -1.25
N ARG A 15 -5.61 -4.92 -0.99
CA ARG A 15 -4.79 -4.26 -2.00
C ARG A 15 -3.55 -5.09 -2.35
N CYS A 16 -3.08 -5.92 -1.41
CA CYS A 16 -1.89 -6.74 -1.62
C CYS A 16 -2.19 -7.96 -2.49
N ARG A 17 -3.45 -8.42 -2.46
CA ARG A 17 -3.87 -9.59 -3.20
C ARG A 17 -4.37 -9.26 -4.62
N THR A 18 -5.05 -8.11 -4.78
CA THR A 18 -5.60 -7.74 -6.09
C THR A 18 -5.02 -6.46 -6.68
N SER A 19 -4.36 -5.62 -5.87
CA SER A 19 -3.83 -4.35 -6.35
C SER A 19 -2.29 -4.28 -6.35
N MET A 20 -1.70 -4.41 -7.54
CA MET A 20 -0.25 -4.30 -7.68
C MET A 20 0.19 -2.85 -7.50
N LYS A 21 -0.67 -1.90 -7.93
CA LYS A 21 -0.39 -0.46 -7.81
C LYS A 21 -0.29 -0.01 -6.36
N TYR A 22 -1.28 -0.38 -5.55
CA TYR A 22 -1.28 -0.01 -4.13
C TYR A 22 -0.05 -0.56 -3.42
N LYS A 23 0.26 -1.82 -3.69
CA LYS A 23 1.39 -2.49 -3.07
C LYS A 23 2.71 -1.73 -3.25
N TYR A 24 2.96 -1.19 -4.45
CA TYR A 24 4.22 -0.49 -4.74
C TYR A 24 4.13 1.04 -4.78
N THR A 25 3.14 1.60 -5.50
CA THR A 25 3.06 3.07 -5.65
C THR A 25 2.21 3.80 -4.60
N ASN A 26 1.09 3.19 -4.16
CA ASN A 26 0.21 3.89 -3.20
C ASN A 26 0.47 3.50 -1.74
N CYS A 27 0.87 2.26 -1.48
CA CYS A 27 1.13 1.81 -0.11
C CYS A 27 2.63 1.63 0.10
N LYS A 28 3.24 2.62 0.76
CA LYS A 28 4.68 2.61 1.03
C LYS A 28 5.05 1.56 2.08
N LYS A 29 4.38 1.59 3.22
CA LYS A 29 4.66 0.63 4.32
C LYS A 29 3.46 -0.27 4.62
N THR A 30 2.25 0.25 4.37
CA THR A 30 1.01 -0.48 4.69
C THR A 30 0.90 -1.87 4.07
N CYS A 31 1.20 -2.01 2.78
CA CYS A 31 1.10 -3.34 2.15
C CYS A 31 2.38 -4.17 2.35
N GLY A 32 3.26 -3.74 3.27
CA GLY A 32 4.47 -4.49 3.56
C GLY A 32 5.48 -4.45 2.41
N THR A 33 5.46 -3.38 1.62
CA THR A 33 6.38 -3.27 0.48
C THR A 33 7.74 -2.67 0.89
N CYS A 34 7.72 -1.61 1.71
CA CYS A 34 8.95 -0.96 2.17
C CYS A 34 9.19 -1.25 3.65
N ALA A 1 12.57 7.34 -1.18
CA ALA A 1 11.56 7.52 -2.27
C ALA A 1 10.15 7.22 -1.76
N CYS A 2 9.95 6.01 -1.24
CA CYS A 2 8.64 5.60 -0.71
C CYS A 2 8.38 6.21 0.67
N LYS A 3 7.15 6.67 0.88
CA LYS A 3 6.71 7.28 2.13
C LYS A 3 5.24 6.95 2.35
N ASP A 4 4.70 7.23 3.53
CA ASP A 4 3.29 6.91 3.80
C ASP A 4 2.35 7.65 2.85
N TYR A 5 1.38 6.91 2.29
CA TYR A 5 0.41 7.48 1.36
C TYR A 5 -0.72 8.19 2.10
N LEU A 6 -1.22 7.54 3.16
CA LEU A 6 -2.32 8.08 3.97
C LEU A 6 -2.58 7.11 5.15
N PRO A 7 -3.61 7.35 6.00
CA PRO A 7 -3.92 6.46 7.13
C PRO A 7 -4.14 5.01 6.67
N LYS A 8 -4.03 4.06 7.60
CA LYS A 8 -4.22 2.63 7.29
C LYS A 8 -5.61 2.35 6.72
N SER A 9 -6.58 3.25 6.96
CA SER A 9 -7.94 3.06 6.48
C SER A 9 -8.04 3.01 4.95
N GLU A 10 -7.15 3.70 4.24
CA GLU A 10 -7.18 3.71 2.77
C GLU A 10 -6.42 2.54 2.14
N CYS A 11 -5.47 1.96 2.89
CA CYS A 11 -4.70 0.81 2.39
C CYS A 11 -4.97 -0.39 3.30
N THR A 12 -5.49 -1.46 2.71
CA THR A 12 -5.82 -2.68 3.45
C THR A 12 -5.19 -3.92 2.82
N GLN A 13 -5.28 -5.05 3.52
CA GLN A 13 -4.74 -6.32 3.04
C GLN A 13 -5.38 -6.71 1.70
N PHE A 14 -6.64 -6.29 1.46
CA PHE A 14 -7.32 -6.61 0.19
C PHE A 14 -6.52 -6.13 -1.02
N ARG A 15 -5.75 -5.07 -0.83
CA ARG A 15 -4.95 -4.49 -1.89
C ARG A 15 -3.76 -5.37 -2.26
N CYS A 16 -3.14 -5.98 -1.24
CA CYS A 16 -1.98 -6.85 -1.46
C CYS A 16 -2.38 -8.16 -2.12
N ARG A 17 -3.69 -8.46 -2.11
CA ARG A 17 -4.20 -9.70 -2.69
C ARG A 17 -4.56 -9.54 -4.18
N THR A 18 -5.27 -8.44 -4.52
CA THR A 18 -5.71 -8.22 -5.90
C THR A 18 -5.10 -6.98 -6.56
N SER A 19 -4.73 -5.98 -5.76
CA SER A 19 -4.21 -4.72 -6.30
C SER A 19 -2.68 -4.64 -6.28
N MET A 20 -2.05 -4.83 -7.44
CA MET A 20 -0.61 -4.72 -7.57
C MET A 20 -0.19 -3.25 -7.49
N LYS A 21 -1.04 -2.36 -8.01
CA LYS A 21 -0.78 -0.91 -7.98
C LYS A 21 -0.60 -0.39 -6.56
N TYR A 22 -1.53 -0.77 -5.68
CA TYR A 22 -1.47 -0.35 -4.28
C TYR A 22 -0.20 -0.83 -3.60
N LYS A 23 0.17 -2.08 -3.89
CA LYS A 23 1.37 -2.67 -3.28
C LYS A 23 2.62 -1.80 -3.47
N TYR A 24 2.85 -1.30 -4.68
CA TYR A 24 4.05 -0.50 -4.96
C TYR A 24 3.80 1.02 -5.08
N THR A 25 2.71 1.42 -5.75
CA THR A 25 2.45 2.86 -5.99
C THR A 25 1.57 3.54 -4.94
N ASN A 26 0.47 2.91 -4.53
CA ASN A 26 -0.44 3.54 -3.55
C ASN A 26 -0.04 3.24 -2.10
N CYS A 27 0.54 2.08 -1.84
CA CYS A 27 0.97 1.69 -0.49
C CYS A 27 2.48 1.50 -0.46
N LYS A 28 3.17 2.53 -0.01
CA LYS A 28 4.62 2.54 0.09
C LYS A 28 5.13 1.66 1.24
N LYS A 29 4.50 1.76 2.42
CA LYS A 29 4.91 0.97 3.59
C LYS A 29 3.81 0.02 4.05
N THR A 30 2.56 0.46 3.93
CA THR A 30 1.40 -0.30 4.41
C THR A 30 1.28 -1.72 3.84
N CYS A 31 1.46 -1.90 2.53
CA CYS A 31 1.34 -3.24 1.94
C CYS A 31 2.61 -4.08 2.15
N GLY A 32 3.54 -3.62 2.99
CA GLY A 32 4.78 -4.35 3.25
C GLY A 32 5.70 -4.39 2.05
N THR A 33 5.66 -3.34 1.22
CA THR A 33 6.50 -3.28 0.02
C THR A 33 7.90 -2.72 0.35
N CYS A 34 7.96 -1.64 1.13
CA CYS A 34 9.25 -1.04 1.51
C CYS A 34 9.68 -1.53 2.90
N ALA A 1 11.40 5.99 -4.75
CA ALA A 1 11.28 6.30 -3.30
C ALA A 1 9.82 6.24 -2.85
N CYS A 2 9.48 5.22 -2.05
CA CYS A 2 8.11 5.05 -1.55
C CYS A 2 7.81 6.04 -0.42
N LYS A 3 6.54 6.43 -0.30
CA LYS A 3 6.09 7.36 0.73
C LYS A 3 4.68 7.01 1.18
N ASP A 4 4.32 7.39 2.40
CA ASP A 4 2.98 7.09 2.93
C ASP A 4 1.90 7.82 2.14
N TYR A 5 0.84 7.07 1.79
CA TYR A 5 -0.27 7.63 1.03
C TYR A 5 -1.29 8.28 1.95
N LEU A 6 -1.62 7.59 3.04
CA LEU A 6 -2.60 8.07 4.03
C LEU A 6 -2.65 7.06 5.20
N PRO A 7 -3.57 7.22 6.19
CA PRO A 7 -3.67 6.27 7.31
C PRO A 7 -3.89 4.83 6.84
N LYS A 8 -3.59 3.86 7.70
CA LYS A 8 -3.75 2.44 7.36
C LYS A 8 -5.18 2.08 6.95
N SER A 9 -6.16 2.92 7.32
CA SER A 9 -7.57 2.67 6.99
C SER A 9 -7.84 2.69 5.48
N GLU A 10 -7.06 3.47 4.71
CA GLU A 10 -7.28 3.57 3.26
C GLU A 10 -6.55 2.46 2.48
N CYS A 11 -5.51 1.86 3.07
CA CYS A 11 -4.78 0.77 2.43
C CYS A 11 -4.95 -0.49 3.28
N THR A 12 -5.50 -1.54 2.67
CA THR A 12 -5.76 -2.79 3.37
C THR A 12 -5.13 -3.99 2.65
N GLN A 13 -5.15 -5.15 3.33
CA GLN A 13 -4.61 -6.38 2.77
C GLN A 13 -5.25 -6.72 1.41
N PHE A 14 -6.51 -6.26 1.19
CA PHE A 14 -7.18 -6.53 -0.09
C PHE A 14 -6.38 -5.97 -1.26
N ARG A 15 -5.63 -4.91 -0.99
CA ARG A 15 -4.80 -4.26 -2.01
C ARG A 15 -3.57 -5.10 -2.36
N CYS A 16 -3.10 -5.91 -1.41
CA CYS A 16 -1.91 -6.74 -1.62
C CYS A 16 -2.21 -7.97 -2.48
N ARG A 17 -3.46 -8.42 -2.44
CA ARG A 17 -3.90 -9.60 -3.20
C ARG A 17 -4.38 -9.27 -4.60
N THR A 18 -5.06 -8.12 -4.78
CA THR A 18 -5.61 -7.74 -6.08
C THR A 18 -5.02 -6.46 -6.68
N SER A 19 -4.36 -5.63 -5.87
CA SER A 19 -3.82 -4.37 -6.36
C SER A 19 -2.29 -4.31 -6.36
N MET A 20 -1.70 -4.43 -7.56
CA MET A 20 -0.25 -4.34 -7.71
C MET A 20 0.20 -2.88 -7.52
N LYS A 21 -0.67 -1.93 -7.91
CA LYS A 21 -0.38 -0.50 -7.81
C LYS A 21 -0.28 -0.05 -6.36
N TYR A 22 -1.26 -0.40 -5.54
CA TYR A 22 -1.27 -0.03 -4.13
C TYR A 22 -0.04 -0.59 -3.42
N LYS A 23 0.26 -1.84 -3.69
CA LYS A 23 1.40 -2.52 -3.07
C LYS A 23 2.72 -1.77 -3.25
N TYR A 24 2.97 -1.23 -4.45
CA TYR A 24 4.24 -0.54 -4.73
C TYR A 24 4.16 0.99 -4.78
N THR A 25 3.17 1.56 -5.50
CA THR A 25 3.09 3.02 -5.67
C THR A 25 2.23 3.75 -4.63
N ASN A 26 1.13 3.15 -4.18
CA ASN A 26 0.24 3.84 -3.23
C ASN A 26 0.49 3.48 -1.76
N CYS A 27 0.90 2.24 -1.49
CA CYS A 27 1.16 1.81 -0.10
C CYS A 27 2.65 1.60 0.13
N LYS A 28 3.28 2.58 0.78
CA LYS A 28 4.72 2.53 1.07
C LYS A 28 5.06 1.48 2.13
N LYS A 29 4.37 1.54 3.27
CA LYS A 29 4.61 0.60 4.37
C LYS A 29 3.40 -0.27 4.68
N THR A 30 2.20 0.26 4.40
CA THR A 30 0.95 -0.43 4.72
C THR A 30 0.84 -1.84 4.12
N CYS A 31 1.14 -2.00 2.82
CA CYS A 31 1.03 -3.32 2.20
C CYS A 31 2.31 -4.17 2.43
N GLY A 32 3.18 -3.73 3.34
CA GLY A 32 4.40 -4.46 3.64
C GLY A 32 5.40 -4.46 2.51
N THR A 33 5.40 -3.40 1.69
CA THR A 33 6.33 -3.32 0.56
C THR A 33 7.69 -2.73 0.97
N CYS A 34 7.67 -1.65 1.75
CA CYS A 34 8.91 -1.00 2.21
C CYS A 34 9.13 -1.22 3.70
N ALA A 1 11.73 5.22 -4.73
CA ALA A 1 11.38 5.67 -3.35
C ALA A 1 9.89 5.49 -3.08
N CYS A 2 9.54 5.36 -1.80
CA CYS A 2 8.14 5.19 -1.39
C CYS A 2 7.77 6.17 -0.27
N LYS A 3 6.49 6.53 -0.20
CA LYS A 3 5.98 7.44 0.82
C LYS A 3 4.56 7.05 1.21
N ASP A 4 4.14 7.44 2.40
CA ASP A 4 2.79 7.12 2.88
C ASP A 4 1.71 7.78 2.03
N TYR A 5 0.69 7.01 1.69
CA TYR A 5 -0.42 7.52 0.88
C TYR A 5 -1.47 8.20 1.76
N LEU A 6 -1.79 7.57 2.88
CA LEU A 6 -2.79 8.06 3.83
C LEU A 6 -2.83 7.11 5.05
N PRO A 7 -3.76 7.30 6.03
CA PRO A 7 -3.84 6.40 7.20
C PRO A 7 -3.99 4.92 6.78
N LYS A 8 -3.67 4.02 7.71
CA LYS A 8 -3.75 2.57 7.46
C LYS A 8 -5.15 2.12 7.01
N SER A 9 -6.17 2.92 7.34
CA SER A 9 -7.57 2.59 6.99
C SER A 9 -7.82 2.59 5.47
N GLU A 10 -7.07 3.39 4.71
CA GLU A 10 -7.27 3.48 3.25
C GLU A 10 -6.54 2.36 2.50
N CYS A 11 -5.50 1.78 3.10
CA CYS A 11 -4.76 0.68 2.48
C CYS A 11 -4.91 -0.57 3.34
N THR A 12 -5.44 -1.64 2.74
CA THR A 12 -5.69 -2.89 3.44
C THR A 12 -5.05 -4.08 2.72
N GLN A 13 -5.08 -5.24 3.37
CA GLN A 13 -4.53 -6.47 2.80
C GLN A 13 -5.18 -6.79 1.44
N PHE A 14 -6.44 -6.35 1.24
CA PHE A 14 -7.13 -6.59 -0.04
C PHE A 14 -6.35 -5.99 -1.21
N ARG A 15 -5.60 -4.93 -0.95
CA ARG A 15 -4.82 -4.24 -1.96
C ARG A 15 -3.57 -5.06 -2.37
N CYS A 16 -3.08 -5.89 -1.45
CA CYS A 16 -1.88 -6.70 -1.72
C CYS A 16 -2.20 -7.93 -2.58
N ARG A 17 -3.45 -8.38 -2.51
CA ARG A 17 -3.89 -9.55 -3.27
C ARG A 17 -4.41 -9.22 -4.67
N THR A 18 -5.08 -8.06 -4.82
CA THR A 18 -5.65 -7.67 -6.11
C THR A 18 -5.06 -6.40 -6.71
N SER A 19 -4.52 -5.51 -5.87
CA SER A 19 -3.97 -4.23 -6.34
C SER A 19 -2.45 -4.18 -6.34
N MET A 20 -1.85 -4.31 -7.53
CA MET A 20 -0.39 -4.22 -7.67
C MET A 20 0.06 -2.77 -7.49
N LYS A 21 -0.79 -1.82 -7.90
CA LYS A 21 -0.51 -0.39 -7.79
C LYS A 21 -0.35 0.05 -6.34
N TYR A 22 -1.30 -0.35 -5.50
CA TYR A 22 -1.26 0.02 -4.08
C TYR A 22 -0.04 -0.55 -3.38
N LYS A 23 0.30 -1.79 -3.68
CA LYS A 23 1.44 -2.46 -3.06
C LYS A 23 2.75 -1.66 -3.17
N TYR A 24 3.11 -1.22 -4.38
CA TYR A 24 4.38 -0.50 -4.60
C TYR A 24 4.23 1.01 -4.83
N THR A 25 3.12 1.45 -5.43
CA THR A 25 2.96 2.88 -5.76
C THR A 25 2.27 3.71 -4.67
N ASN A 26 1.15 3.22 -4.12
CA ASN A 26 0.40 4.00 -3.11
C ASN A 26 0.68 3.58 -1.66
N CYS A 27 0.90 2.29 -1.42
CA CYS A 27 1.17 1.82 -0.05
C CYS A 27 2.66 1.62 0.16
N LYS A 28 3.30 2.61 0.81
CA LYS A 28 4.73 2.58 1.08
C LYS A 28 5.09 1.53 2.15
N LYS A 29 4.40 1.58 3.29
CA LYS A 29 4.67 0.65 4.39
C LYS A 29 3.46 -0.26 4.68
N THR A 30 2.25 0.25 4.41
CA THR A 30 1.02 -0.47 4.72
C THR A 30 0.92 -1.87 4.10
N CYS A 31 1.23 -2.00 2.81
CA CYS A 31 1.13 -3.32 2.18
C CYS A 31 2.41 -4.16 2.38
N GLY A 32 3.29 -3.72 3.30
CA GLY A 32 4.52 -4.45 3.58
C GLY A 32 5.52 -4.43 2.44
N THR A 33 5.50 -3.36 1.65
CA THR A 33 6.42 -3.24 0.51
C THR A 33 7.78 -2.66 0.92
N CYS A 34 7.77 -1.60 1.74
CA CYS A 34 9.01 -0.96 2.20
C CYS A 34 9.25 -1.26 3.67
N ALA A 1 12.00 7.93 -1.38
CA ALA A 1 11.56 6.88 -2.34
C ALA A 1 10.16 6.37 -2.01
N CYS A 2 9.99 5.86 -0.78
CA CYS A 2 8.70 5.34 -0.33
C CYS A 2 8.33 5.93 1.04
N LYS A 3 7.10 6.44 1.13
CA LYS A 3 6.58 7.05 2.35
C LYS A 3 5.08 6.76 2.46
N ASP A 4 4.46 7.11 3.58
CA ASP A 4 3.03 6.84 3.75
C ASP A 4 2.18 7.59 2.74
N TYR A 5 1.16 6.89 2.22
CA TYR A 5 0.25 7.45 1.23
C TYR A 5 -0.88 8.21 1.92
N LEU A 6 -1.41 7.61 2.99
CA LEU A 6 -2.53 8.19 3.76
C LEU A 6 -2.79 7.28 4.98
N PRO A 7 -3.84 7.54 5.80
CA PRO A 7 -4.14 6.69 6.97
C PRO A 7 -4.31 5.22 6.60
N LYS A 8 -4.17 4.33 7.58
CA LYS A 8 -4.30 2.88 7.36
C LYS A 8 -5.66 2.51 6.74
N SER A 9 -6.67 3.35 6.94
CA SER A 9 -8.02 3.10 6.41
C SER A 9 -8.05 3.02 4.89
N GLU A 10 -7.13 3.71 4.20
CA GLU A 10 -7.10 3.70 2.73
C GLU A 10 -6.31 2.52 2.15
N CYS A 11 -5.39 1.96 2.94
CA CYS A 11 -4.61 0.80 2.49
C CYS A 11 -4.91 -0.39 3.39
N THR A 12 -5.41 -1.46 2.78
CA THR A 12 -5.77 -2.67 3.52
C THR A 12 -5.12 -3.90 2.90
N GLN A 13 -5.25 -5.04 3.60
CA GLN A 13 -4.69 -6.31 3.11
C GLN A 13 -5.34 -6.71 1.78
N PHE A 14 -6.59 -6.28 1.54
CA PHE A 14 -7.28 -6.61 0.29
C PHE A 14 -6.51 -6.13 -0.93
N ARG A 15 -5.76 -5.05 -0.75
CA ARG A 15 -4.97 -4.45 -1.82
C ARG A 15 -3.77 -5.32 -2.20
N CYS A 16 -3.14 -5.95 -1.20
CA CYS A 16 -1.98 -6.81 -1.44
C CYS A 16 -2.38 -8.12 -2.13
N ARG A 17 -3.68 -8.43 -2.14
CA ARG A 17 -4.18 -9.65 -2.75
C ARG A 17 -4.51 -9.47 -4.23
N THR A 18 -5.23 -8.39 -4.58
CA THR A 18 -5.65 -8.16 -5.96
C THR A 18 -5.07 -6.89 -6.59
N SER A 19 -4.73 -5.89 -5.76
CA SER A 19 -4.22 -4.62 -6.26
C SER A 19 -2.69 -4.55 -6.28
N MET A 20 -2.11 -4.70 -7.47
CA MET A 20 -0.66 -4.60 -7.64
C MET A 20 -0.22 -3.13 -7.51
N LYS A 21 -1.08 -2.21 -8.00
CA LYS A 21 -0.81 -0.77 -7.93
C LYS A 21 -0.61 -0.31 -6.49
N TYR A 22 -1.53 -0.70 -5.61
CA TYR A 22 -1.45 -0.33 -4.20
C TYR A 22 -0.17 -0.85 -3.56
N LYS A 23 0.16 -2.10 -3.86
CA LYS A 23 1.35 -2.73 -3.29
C LYS A 23 2.62 -1.91 -3.50
N TYR A 24 2.79 -1.32 -4.69
CA TYR A 24 3.99 -0.54 -4.98
C TYR A 24 3.79 0.98 -4.99
N THR A 25 2.73 1.47 -5.65
CA THR A 25 2.51 2.91 -5.78
C THR A 25 1.60 3.55 -4.73
N ASN A 26 0.46 2.93 -4.41
CA ASN A 26 -0.46 3.51 -3.43
C ASN A 26 -0.06 3.18 -1.99
N CYS A 27 0.62 2.05 -1.77
CA CYS A 27 1.06 1.65 -0.44
C CYS A 27 2.57 1.40 -0.45
N LYS A 28 3.31 2.42 -0.02
CA LYS A 28 4.77 2.37 0.03
C LYS A 28 5.29 1.46 1.16
N LYS A 29 4.72 1.60 2.35
CA LYS A 29 5.15 0.79 3.50
C LYS A 29 4.03 -0.10 4.04
N THR A 30 2.78 0.35 3.88
CA THR A 30 1.63 -0.38 4.41
C THR A 30 1.46 -1.78 3.83
N CYS A 31 1.62 -1.95 2.52
CA CYS A 31 1.46 -3.28 1.92
C CYS A 31 2.75 -4.13 2.04
N GLY A 32 3.70 -3.70 2.89
CA GLY A 32 4.93 -4.46 3.09
C GLY A 32 5.85 -4.44 1.88
N THR A 33 5.80 -3.37 1.08
CA THR A 33 6.65 -3.28 -0.12
C THR A 33 7.98 -2.60 0.19
N CYS A 34 7.95 -1.50 0.95
CA CYS A 34 9.16 -0.76 1.31
C CYS A 34 9.50 -0.95 2.79
N ALA A 1 12.09 7.86 -1.27
CA ALA A 1 11.68 6.80 -2.23
C ALA A 1 10.26 6.32 -1.94
N CYS A 2 10.04 5.84 -0.71
CA CYS A 2 8.73 5.33 -0.30
C CYS A 2 8.31 5.95 1.03
N LYS A 3 7.07 6.45 1.08
CA LYS A 3 6.51 7.09 2.27
C LYS A 3 5.02 6.79 2.33
N ASP A 4 4.39 7.03 3.48
CA ASP A 4 2.95 6.73 3.62
C ASP A 4 2.10 7.56 2.66
N TYR A 5 1.06 6.90 2.13
CA TYR A 5 0.13 7.52 1.19
C TYR A 5 -0.98 8.26 1.95
N LEU A 6 -1.49 7.61 3.00
CA LEU A 6 -2.58 8.16 3.82
C LEU A 6 -2.81 7.22 5.02
N PRO A 7 -3.84 7.46 5.89
CA PRO A 7 -4.11 6.58 7.03
C PRO A 7 -4.28 5.11 6.63
N LYS A 8 -4.13 4.20 7.59
CA LYS A 8 -4.27 2.76 7.33
C LYS A 8 -5.65 2.40 6.75
N SER A 9 -6.64 3.28 6.96
CA SER A 9 -8.01 3.04 6.46
C SER A 9 -8.08 2.98 4.93
N GLU A 10 -7.15 3.67 4.23
CA GLU A 10 -7.16 3.67 2.76
C GLU A 10 -6.36 2.52 2.16
N CYS A 11 -5.41 1.95 2.93
CA CYS A 11 -4.62 0.82 2.46
C CYS A 11 -4.90 -0.38 3.36
N THR A 12 -5.41 -1.45 2.76
CA THR A 12 -5.77 -2.66 3.50
C THR A 12 -5.13 -3.91 2.87
N GLN A 13 -5.22 -5.03 3.58
CA GLN A 13 -4.68 -6.30 3.10
C GLN A 13 -5.32 -6.69 1.75
N PHE A 14 -6.57 -6.25 1.50
CA PHE A 14 -7.24 -6.56 0.24
C PHE A 14 -6.46 -6.03 -0.97
N ARG A 15 -5.72 -4.96 -0.74
CA ARG A 15 -4.93 -4.34 -1.80
C ARG A 15 -3.69 -5.16 -2.16
N CYS A 16 -3.18 -5.95 -1.22
CA CYS A 16 -1.98 -6.76 -1.45
C CYS A 16 -2.31 -8.04 -2.23
N ARG A 17 -3.56 -8.49 -2.12
CA ARG A 17 -4.00 -9.72 -2.78
C ARG A 17 -4.56 -9.47 -4.19
N THR A 18 -5.24 -8.33 -4.40
CA THR A 18 -5.85 -8.04 -5.71
C THR A 18 -5.28 -6.81 -6.41
N SER A 19 -4.73 -5.86 -5.65
CA SER A 19 -4.21 -4.61 -6.22
C SER A 19 -2.68 -4.56 -6.29
N MET A 20 -2.14 -4.70 -7.50
CA MET A 20 -0.69 -4.61 -7.72
C MET A 20 -0.23 -3.15 -7.58
N LYS A 21 -1.08 -2.22 -8.03
CA LYS A 21 -0.78 -0.78 -7.96
C LYS A 21 -0.58 -0.32 -6.52
N TYR A 22 -1.52 -0.70 -5.64
CA TYR A 22 -1.44 -0.31 -4.23
C TYR A 22 -0.19 -0.85 -3.57
N LYS A 23 0.14 -2.10 -3.86
CA LYS A 23 1.32 -2.74 -3.28
C LYS A 23 2.60 -1.93 -3.47
N TYR A 24 2.79 -1.36 -4.66
CA TYR A 24 4.01 -0.60 -4.96
C TYR A 24 3.82 0.93 -4.98
N THR A 25 2.77 1.41 -5.66
CA THR A 25 2.57 2.86 -5.82
C THR A 25 1.68 3.52 -4.77
N ASN A 26 0.53 2.93 -4.44
CA ASN A 26 -0.38 3.54 -3.47
C ASN A 26 0.02 3.23 -2.03
N CYS A 27 0.63 2.08 -1.80
CA CYS A 27 1.08 1.69 -0.46
C CYS A 27 2.58 1.44 -0.47
N LYS A 28 3.33 2.47 -0.06
CA LYS A 28 4.79 2.41 -0.03
C LYS A 28 5.31 1.52 1.11
N LYS A 29 4.75 1.66 2.31
CA LYS A 29 5.19 0.86 3.46
C LYS A 29 4.06 -0.03 4.00
N THR A 30 2.81 0.42 3.85
CA THR A 30 1.66 -0.31 4.38
C THR A 30 1.49 -1.74 3.85
N CYS A 31 1.59 -1.92 2.53
CA CYS A 31 1.42 -3.28 1.96
C CYS A 31 2.70 -4.12 2.08
N GLY A 32 3.66 -3.69 2.92
CA GLY A 32 4.90 -4.45 3.11
C GLY A 32 5.82 -4.45 1.90
N THR A 33 5.77 -3.37 1.10
CA THR A 33 6.61 -3.28 -0.10
C THR A 33 7.96 -2.62 0.22
N CYS A 34 7.93 -1.50 0.98
CA CYS A 34 9.14 -0.78 1.34
C CYS A 34 9.49 -1.00 2.81
N ALA A 1 11.89 6.67 -4.00
CA ALA A 1 11.68 6.75 -2.54
C ALA A 1 10.22 6.43 -2.18
N CYS A 2 10.00 5.98 -0.94
CA CYS A 2 8.66 5.62 -0.46
C CYS A 2 8.37 6.28 0.88
N LYS A 3 7.12 6.75 1.04
CA LYS A 3 6.65 7.40 2.27
C LYS A 3 5.17 7.04 2.46
N ASP A 4 4.60 7.34 3.62
CA ASP A 4 3.19 7.00 3.86
C ASP A 4 2.26 7.72 2.89
N TYR A 5 1.28 6.98 2.36
CA TYR A 5 0.33 7.53 1.40
C TYR A 5 -0.81 8.24 2.13
N LEU A 6 -1.32 7.60 3.19
CA LEU A 6 -2.43 8.13 3.99
C LEU A 6 -2.70 7.17 5.17
N PRO A 7 -3.74 7.40 6.01
CA PRO A 7 -4.05 6.51 7.14
C PRO A 7 -4.25 5.06 6.68
N LYS A 8 -4.12 4.12 7.62
CA LYS A 8 -4.28 2.69 7.33
C LYS A 8 -5.65 2.37 6.71
N SER A 9 -6.64 3.23 6.98
CA SER A 9 -8.01 3.02 6.46
C SER A 9 -8.08 2.98 4.93
N GLU A 10 -7.16 3.67 4.24
CA GLU A 10 -7.17 3.70 2.78
C GLU A 10 -6.40 2.54 2.15
N CYS A 11 -5.47 1.94 2.91
CA CYS A 11 -4.69 0.80 2.42
C CYS A 11 -4.96 -0.41 3.31
N THR A 12 -5.46 -1.49 2.72
CA THR A 12 -5.80 -2.71 3.45
C THR A 12 -5.13 -3.93 2.81
N GLN A 13 -5.24 -5.06 3.50
CA GLN A 13 -4.68 -6.32 3.01
C GLN A 13 -5.32 -6.71 1.67
N PHE A 14 -6.59 -6.30 1.44
CA PHE A 14 -7.28 -6.62 0.18
C PHE A 14 -6.48 -6.15 -1.04
N ARG A 15 -5.72 -5.07 -0.85
CA ARG A 15 -4.91 -4.49 -1.92
C ARG A 15 -3.72 -5.37 -2.28
N CYS A 16 -3.11 -6.00 -1.28
CA CYS A 16 -1.95 -6.87 -1.50
C CYS A 16 -2.34 -8.17 -2.18
N ARG A 17 -3.65 -8.47 -2.22
CA ARG A 17 -4.16 -9.70 -2.82
C ARG A 17 -4.47 -9.51 -4.31
N THR A 18 -5.18 -8.43 -4.66
CA THR A 18 -5.59 -8.20 -6.06
C THR A 18 -4.98 -6.92 -6.67
N SER A 19 -4.65 -5.93 -5.84
CA SER A 19 -4.14 -4.66 -6.34
C SER A 19 -2.61 -4.57 -6.31
N MET A 20 -1.99 -4.73 -7.49
CA MET A 20 -0.54 -4.62 -7.61
C MET A 20 -0.11 -3.15 -7.48
N LYS A 21 -0.97 -2.25 -8.00
CA LYS A 21 -0.70 -0.79 -7.94
C LYS A 21 -0.55 -0.32 -6.50
N TYR A 22 -1.48 -0.71 -5.64
CA TYR A 22 -1.43 -0.31 -4.24
C TYR A 22 -0.16 -0.79 -3.57
N LYS A 23 0.22 -2.03 -3.84
CA LYS A 23 1.41 -2.63 -3.24
C LYS A 23 2.66 -1.78 -3.45
N TYR A 24 2.85 -1.23 -4.65
CA TYR A 24 4.06 -0.44 -4.94
C TYR A 24 3.82 1.08 -4.99
N THR A 25 2.76 1.53 -5.67
CA THR A 25 2.52 2.97 -5.84
C THR A 25 1.62 3.62 -4.79
N ASN A 26 0.51 2.99 -4.42
CA ASN A 26 -0.43 3.58 -3.45
C ASN A 26 -0.04 3.27 -2.00
N CYS A 27 0.56 2.10 -1.77
CA CYS A 27 0.98 1.69 -0.41
C CYS A 27 2.49 1.50 -0.37
N LYS A 28 3.17 2.54 0.11
CA LYS A 28 4.63 2.55 0.22
C LYS A 28 5.14 1.64 1.35
N LYS A 29 4.52 1.75 2.53
CA LYS A 29 4.93 0.93 3.69
C LYS A 29 3.81 -0.01 4.17
N THR A 30 2.56 0.43 3.99
CA THR A 30 1.40 -0.32 4.47
C THR A 30 1.26 -1.74 3.90
N CYS A 31 1.46 -1.92 2.59
CA CYS A 31 1.33 -3.27 2.00
C CYS A 31 2.60 -4.11 2.20
N GLY A 32 3.53 -3.65 3.05
CA GLY A 32 4.75 -4.39 3.30
C GLY A 32 5.69 -4.41 2.11
N THR A 33 5.65 -3.36 1.29
CA THR A 33 6.51 -3.29 0.10
C THR A 33 7.89 -2.74 0.43
N CYS A 34 7.95 -1.66 1.23
CA CYS A 34 9.24 -1.04 1.62
C CYS A 34 9.65 -1.53 3.00
N ALA A 1 11.59 6.30 -4.56
CA ALA A 1 11.43 6.30 -3.09
C ALA A 1 9.96 6.28 -2.69
N CYS A 2 9.58 5.26 -1.91
CA CYS A 2 8.18 5.13 -1.46
C CYS A 2 7.86 6.11 -0.34
N LYS A 3 6.58 6.48 -0.23
CA LYS A 3 6.11 7.41 0.79
C LYS A 3 4.69 7.04 1.21
N ASP A 4 4.30 7.42 2.43
CA ASP A 4 2.96 7.08 2.92
C ASP A 4 1.88 7.80 2.13
N TYR A 5 0.82 7.07 1.78
CA TYR A 5 -0.28 7.62 1.01
C TYR A 5 -1.30 8.28 1.93
N LEU A 6 -1.63 7.60 3.03
CA LEU A 6 -2.62 8.09 4.01
C LEU A 6 -2.67 7.09 5.19
N PRO A 7 -3.59 7.26 6.18
CA PRO A 7 -3.70 6.32 7.31
C PRO A 7 -3.93 4.88 6.84
N LYS A 8 -3.63 3.92 7.72
CA LYS A 8 -3.79 2.48 7.40
C LYS A 8 -5.20 2.14 6.92
N SER A 9 -6.19 2.93 7.35
CA SER A 9 -7.59 2.68 6.98
C SER A 9 -7.84 2.74 5.47
N GLU A 10 -7.01 3.47 4.71
CA GLU A 10 -7.21 3.58 3.27
C GLU A 10 -6.50 2.47 2.48
N CYS A 11 -5.47 1.86 3.08
CA CYS A 11 -4.75 0.75 2.44
C CYS A 11 -4.92 -0.51 3.29
N THR A 12 -5.48 -1.55 2.68
CA THR A 12 -5.75 -2.81 3.38
C THR A 12 -5.13 -4.00 2.67
N GLN A 13 -5.16 -5.16 3.33
CA GLN A 13 -4.62 -6.40 2.78
C GLN A 13 -5.27 -6.73 1.43
N PHE A 14 -6.52 -6.27 1.21
CA PHE A 14 -7.22 -6.53 -0.06
C PHE A 14 -6.41 -5.98 -1.25
N ARG A 15 -5.65 -4.92 -0.98
CA ARG A 15 -4.83 -4.28 -2.01
C ARG A 15 -3.60 -5.12 -2.37
N CYS A 16 -3.12 -5.93 -1.41
CA CYS A 16 -1.93 -6.76 -1.62
C CYS A 16 -2.24 -7.99 -2.47
N ARG A 17 -3.50 -8.43 -2.43
CA ARG A 17 -3.92 -9.62 -3.17
C ARG A 17 -4.40 -9.31 -4.59
N THR A 18 -5.06 -8.16 -4.77
CA THR A 18 -5.61 -7.80 -6.10
C THR A 18 -5.00 -6.53 -6.71
N SER A 19 -4.46 -5.63 -5.87
CA SER A 19 -3.91 -4.37 -6.37
C SER A 19 -2.38 -4.33 -6.37
N MET A 20 -1.78 -4.45 -7.55
CA MET A 20 -0.32 -4.36 -7.70
C MET A 20 0.14 -2.91 -7.52
N LYS A 21 -0.71 -1.96 -7.93
CA LYS A 21 -0.41 -0.53 -7.81
C LYS A 21 -0.30 -0.08 -6.35
N TYR A 22 -1.30 -0.43 -5.55
CA TYR A 22 -1.30 -0.05 -4.14
C TYR A 22 -0.07 -0.61 -3.42
N LYS A 23 0.25 -1.87 -3.70
CA LYS A 23 1.39 -2.54 -3.08
C LYS A 23 2.70 -1.76 -3.23
N TYR A 24 2.97 -1.23 -4.44
CA TYR A 24 4.24 -0.53 -4.69
C TYR A 24 4.14 1.00 -4.77
N THR A 25 3.17 1.54 -5.52
CA THR A 25 3.07 3.00 -5.70
C THR A 25 2.20 3.73 -4.68
N ASN A 26 1.10 3.12 -4.21
CA ASN A 26 0.20 3.81 -3.27
C ASN A 26 0.45 3.45 -1.80
N CYS A 27 0.87 2.22 -1.52
CA CYS A 27 1.15 1.79 -0.14
C CYS A 27 2.64 1.60 0.08
N LYS A 28 3.26 2.59 0.72
CA LYS A 28 4.71 2.56 0.99
C LYS A 28 5.07 1.52 2.05
N LYS A 29 4.40 1.58 3.21
CA LYS A 29 4.67 0.64 4.30
C LYS A 29 3.46 -0.25 4.62
N THR A 30 2.26 0.27 4.37
CA THR A 30 1.02 -0.44 4.70
C THR A 30 0.90 -1.84 4.10
N CYS A 31 1.18 -2.00 2.81
CA CYS A 31 1.06 -3.33 2.20
C CYS A 31 2.33 -4.18 2.40
N GLY A 32 3.22 -3.75 3.32
CA GLY A 32 4.44 -4.50 3.60
C GLY A 32 5.44 -4.48 2.46
N THR A 33 5.43 -3.42 1.66
CA THR A 33 6.34 -3.32 0.51
C THR A 33 7.71 -2.73 0.92
N CYS A 34 7.69 -1.67 1.73
CA CYS A 34 8.94 -1.02 2.18
C CYS A 34 9.18 -1.31 3.65
N ALA A 1 12.00 6.78 -2.71
CA ALA A 1 11.44 5.61 -3.43
C ALA A 1 9.94 5.45 -3.16
N CYS A 2 9.58 5.32 -1.87
CA CYS A 2 8.18 5.17 -1.45
C CYS A 2 7.83 6.15 -0.35
N LYS A 3 6.54 6.51 -0.26
CA LYS A 3 6.04 7.43 0.74
C LYS A 3 4.62 7.03 1.14
N ASP A 4 4.20 7.43 2.35
CA ASP A 4 2.85 7.08 2.82
C ASP A 4 1.78 7.77 1.98
N TYR A 5 0.73 7.00 1.64
CA TYR A 5 -0.38 7.51 0.84
C TYR A 5 -1.41 8.20 1.73
N LEU A 6 -1.74 7.54 2.85
CA LEU A 6 -2.73 8.05 3.81
C LEU A 6 -2.77 7.09 5.02
N PRO A 7 -3.69 7.28 5.99
CA PRO A 7 -3.79 6.37 7.16
C PRO A 7 -3.96 4.90 6.74
N LYS A 8 -3.65 3.97 7.64
CA LYS A 8 -3.76 2.53 7.36
C LYS A 8 -5.18 2.13 6.95
N SER A 9 -6.18 2.95 7.29
CA SER A 9 -7.58 2.65 6.96
C SER A 9 -7.85 2.63 5.45
N GLU A 10 -7.08 3.41 4.67
CA GLU A 10 -7.28 3.46 3.21
C GLU A 10 -6.54 2.34 2.46
N CYS A 11 -5.49 1.79 3.07
CA CYS A 11 -4.74 0.69 2.46
C CYS A 11 -4.90 -0.56 3.33
N THR A 12 -5.43 -1.62 2.74
CA THR A 12 -5.68 -2.87 3.47
C THR A 12 -5.05 -4.06 2.75
N GLN A 13 -5.08 -5.23 3.42
CA GLN A 13 -4.53 -6.46 2.85
C GLN A 13 -5.19 -6.79 1.50
N PHE A 14 -6.44 -6.34 1.29
CA PHE A 14 -7.13 -6.61 0.02
C PHE A 14 -6.36 -6.01 -1.16
N ARG A 15 -5.63 -4.94 -0.90
CA ARG A 15 -4.85 -4.27 -1.92
C ARG A 15 -3.60 -5.07 -2.32
N CYS A 16 -3.10 -5.88 -1.38
CA CYS A 16 -1.90 -6.70 -1.64
C CYS A 16 -2.21 -7.91 -2.52
N ARG A 17 -3.45 -8.38 -2.46
CA ARG A 17 -3.88 -9.56 -3.22
C ARG A 17 -4.42 -9.20 -4.62
N THR A 18 -5.11 -8.07 -4.75
CA THR A 18 -5.71 -7.68 -6.03
C THR A 18 -5.15 -6.39 -6.62
N SER A 19 -4.49 -5.56 -5.81
CA SER A 19 -3.97 -4.27 -6.30
C SER A 19 -2.44 -4.21 -6.33
N MET A 20 -1.86 -4.33 -7.52
CA MET A 20 -0.42 -4.23 -7.70
C MET A 20 0.04 -2.78 -7.52
N LYS A 21 -0.85 -1.83 -7.88
CA LYS A 21 -0.56 -0.39 -7.77
C LYS A 21 -0.42 0.04 -6.31
N TYR A 22 -1.37 -0.34 -5.48
CA TYR A 22 -1.34 0.02 -4.06
C TYR A 22 -0.12 -0.56 -3.36
N LYS A 23 0.20 -1.81 -3.68
CA LYS A 23 1.33 -2.51 -3.05
C LYS A 23 2.64 -1.73 -3.14
N TYR A 24 3.02 -1.29 -4.34
CA TYR A 24 4.28 -0.57 -4.55
C TYR A 24 4.15 0.94 -4.77
N THR A 25 3.10 1.38 -5.49
CA THR A 25 2.95 2.81 -5.81
C THR A 25 2.25 3.65 -4.73
N ASN A 26 1.14 3.16 -4.18
CA ASN A 26 0.39 3.96 -3.18
C ASN A 26 0.68 3.55 -1.72
N CYS A 27 0.91 2.27 -1.45
CA CYS A 27 1.19 1.83 -0.08
C CYS A 27 2.68 1.62 0.13
N LYS A 28 3.31 2.60 0.76
CA LYS A 28 4.76 2.57 1.02
C LYS A 28 5.12 1.52 2.08
N LYS A 29 4.44 1.57 3.23
CA LYS A 29 4.71 0.62 4.31
C LYS A 29 3.50 -0.26 4.62
N THR A 30 2.29 0.25 4.36
CA THR A 30 1.05 -0.46 4.68
C THR A 30 0.94 -1.85 4.06
N CYS A 31 1.23 -2.00 2.78
CA CYS A 31 1.12 -3.31 2.14
C CYS A 31 2.40 -4.15 2.33
N GLY A 32 3.28 -3.72 3.24
CA GLY A 32 4.51 -4.46 3.51
C GLY A 32 5.51 -4.44 2.36
N THR A 33 5.48 -3.37 1.56
CA THR A 33 6.39 -3.26 0.41
C THR A 33 7.76 -2.71 0.82
N CYS A 34 7.76 -1.64 1.63
CA CYS A 34 9.01 -1.01 2.09
C CYS A 34 9.26 -1.33 3.56
N ALA A 1 11.53 5.31 -4.94
CA ALA A 1 11.25 5.71 -3.54
C ALA A 1 9.77 5.56 -3.19
N CYS A 2 9.46 5.39 -1.90
CA CYS A 2 8.09 5.22 -1.44
C CYS A 2 7.78 6.17 -0.28
N LYS A 3 6.51 6.55 -0.14
CA LYS A 3 6.07 7.43 0.94
C LYS A 3 4.64 7.06 1.35
N ASP A 4 4.27 7.45 2.58
CA ASP A 4 2.93 7.14 3.08
C ASP A 4 1.86 7.85 2.26
N TYR A 5 0.81 7.10 1.90
CA TYR A 5 -0.29 7.64 1.11
C TYR A 5 -1.33 8.31 2.01
N LEU A 6 -1.68 7.62 3.09
CA LEU A 6 -2.68 8.11 4.06
C LEU A 6 -2.76 7.11 5.24
N PRO A 7 -3.70 7.28 6.20
CA PRO A 7 -3.81 6.34 7.34
C PRO A 7 -4.00 4.89 6.87
N LYS A 8 -3.72 3.93 7.75
CA LYS A 8 -3.86 2.50 7.42
C LYS A 8 -5.27 2.13 6.94
N SER A 9 -6.27 2.94 7.32
CA SER A 9 -7.66 2.69 6.94
C SER A 9 -7.89 2.73 5.42
N GLU A 10 -7.06 3.47 4.68
CA GLU A 10 -7.22 3.58 3.22
C GLU A 10 -6.49 2.47 2.46
N CYS A 11 -5.48 1.86 3.08
CA CYS A 11 -4.74 0.76 2.46
C CYS A 11 -4.94 -0.50 3.29
N THR A 12 -5.48 -1.54 2.66
CA THR A 12 -5.78 -2.80 3.34
C THR A 12 -5.14 -3.99 2.65
N GLN A 13 -5.22 -5.17 3.30
CA GLN A 13 -4.68 -6.40 2.74
C GLN A 13 -5.30 -6.72 1.37
N PHE A 14 -6.55 -6.26 1.15
CA PHE A 14 -7.22 -6.50 -0.15
C PHE A 14 -6.39 -5.95 -1.31
N ARG A 15 -5.62 -4.90 -1.03
CA ARG A 15 -4.78 -4.27 -2.03
C ARG A 15 -3.56 -5.12 -2.40
N CYS A 16 -3.05 -5.88 -1.44
CA CYS A 16 -1.88 -6.73 -1.66
C CYS A 16 -2.21 -7.98 -2.47
N ARG A 17 -3.47 -8.41 -2.41
CA ARG A 17 -3.91 -9.60 -3.13
C ARG A 17 -4.40 -9.31 -4.55
N THR A 18 -5.05 -8.15 -4.75
CA THR A 18 -5.61 -7.79 -6.07
C THR A 18 -4.98 -6.54 -6.69
N SER A 19 -4.45 -5.63 -5.87
CA SER A 19 -3.89 -4.37 -6.39
C SER A 19 -2.36 -4.32 -6.34
N MET A 20 -1.73 -4.46 -7.51
CA MET A 20 -0.28 -4.37 -7.62
C MET A 20 0.18 -2.90 -7.45
N LYS A 21 -0.67 -1.97 -7.92
CA LYS A 21 -0.38 -0.53 -7.82
C LYS A 21 -0.25 -0.08 -6.37
N TYR A 22 -1.22 -0.44 -5.54
CA TYR A 22 -1.21 -0.05 -4.13
C TYR A 22 0.03 -0.59 -3.43
N LYS A 23 0.38 -1.83 -3.72
CA LYS A 23 1.55 -2.48 -3.11
C LYS A 23 2.84 -1.68 -3.31
N TYR A 24 3.04 -1.12 -4.50
CA TYR A 24 4.27 -0.38 -4.81
C TYR A 24 4.14 1.15 -4.84
N THR A 25 3.12 1.68 -5.52
CA THR A 25 2.99 3.15 -5.66
C THR A 25 2.10 3.82 -4.60
N ASN A 26 1.01 3.17 -4.18
CA ASN A 26 0.08 3.80 -3.22
C ASN A 26 0.37 3.44 -1.74
N CYS A 27 0.87 2.23 -1.49
CA CYS A 27 1.15 1.80 -0.11
C CYS A 27 2.65 1.61 0.10
N LYS A 28 3.28 2.59 0.77
CA LYS A 28 4.72 2.57 1.03
C LYS A 28 5.09 1.51 2.09
N LYS A 29 4.43 1.54 3.24
CA LYS A 29 4.70 0.58 4.31
C LYS A 29 3.50 -0.30 4.64
N THR A 30 2.29 0.23 4.42
CA THR A 30 1.05 -0.47 4.74
C THR A 30 0.94 -1.86 4.12
N CYS A 31 1.26 -2.00 2.83
CA CYS A 31 1.16 -3.32 2.19
C CYS A 31 2.43 -4.17 2.41
N GLY A 32 3.30 -3.73 3.33
CA GLY A 32 4.52 -4.48 3.62
C GLY A 32 5.52 -4.47 2.47
N THR A 33 5.51 -3.39 1.68
CA THR A 33 6.42 -3.29 0.53
C THR A 33 7.78 -2.68 0.91
N CYS A 34 7.76 -1.59 1.71
CA CYS A 34 9.00 -0.92 2.14
C CYS A 34 9.27 -1.21 3.62
N ALA A 1 11.73 7.16 -3.70
CA ALA A 1 11.56 7.08 -2.23
C ALA A 1 10.19 6.47 -1.88
N CYS A 2 10.04 6.02 -0.62
CA CYS A 2 8.79 5.43 -0.16
C CYS A 2 8.35 6.05 1.17
N LYS A 3 7.10 6.53 1.21
CA LYS A 3 6.52 7.15 2.39
C LYS A 3 5.03 6.83 2.48
N ASP A 4 4.40 7.11 3.60
CA ASP A 4 2.98 6.81 3.76
C ASP A 4 2.11 7.59 2.77
N TYR A 5 1.09 6.91 2.24
CA TYR A 5 0.17 7.51 1.29
C TYR A 5 -0.96 8.24 2.01
N LEU A 6 -1.49 7.60 3.06
CA LEU A 6 -2.59 8.17 3.86
C LEU A 6 -2.85 7.22 5.06
N PRO A 7 -3.89 7.47 5.90
CA PRO A 7 -4.18 6.60 7.05
C PRO A 7 -4.35 5.13 6.65
N LYS A 8 -4.22 4.23 7.63
CA LYS A 8 -4.34 2.79 7.39
C LYS A 8 -5.70 2.41 6.78
N SER A 9 -6.71 3.28 6.94
CA SER A 9 -8.05 3.02 6.41
C SER A 9 -8.09 2.96 4.88
N GLU A 10 -7.18 3.68 4.20
CA GLU A 10 -7.15 3.69 2.73
C GLU A 10 -6.35 2.54 2.14
N CYS A 11 -5.42 1.96 2.93
CA CYS A 11 -4.63 0.82 2.47
C CYS A 11 -4.94 -0.38 3.35
N THR A 12 -5.45 -1.45 2.74
CA THR A 12 -5.83 -2.66 3.46
C THR A 12 -5.18 -3.90 2.85
N GLN A 13 -5.33 -5.04 3.54
CA GLN A 13 -4.78 -6.31 3.06
C GLN A 13 -5.39 -6.69 1.72
N PHE A 14 -6.64 -6.23 1.44
CA PHE A 14 -7.30 -6.54 0.16
C PHE A 14 -6.49 -6.01 -1.02
N ARG A 15 -5.74 -4.94 -0.78
CA ARG A 15 -4.92 -4.32 -1.82
C ARG A 15 -3.68 -5.15 -2.17
N CYS A 16 -3.19 -5.93 -1.21
CA CYS A 16 -1.99 -6.75 -1.42
C CYS A 16 -2.30 -8.02 -2.21
N ARG A 17 -3.54 -8.48 -2.13
CA ARG A 17 -3.97 -9.71 -2.80
C ARG A 17 -4.50 -9.46 -4.23
N THR A 18 -5.18 -8.33 -4.45
CA THR A 18 -5.76 -8.03 -5.77
C THR A 18 -5.18 -6.79 -6.45
N SER A 19 -4.65 -5.85 -5.67
CA SER A 19 -4.13 -4.60 -6.24
C SER A 19 -2.60 -4.55 -6.30
N MET A 20 -2.06 -4.68 -7.52
CA MET A 20 -0.61 -4.59 -7.73
C MET A 20 -0.14 -3.15 -7.58
N LYS A 21 -1.00 -2.19 -8.01
CA LYS A 21 -0.69 -0.76 -7.93
C LYS A 21 -0.52 -0.31 -6.48
N TYR A 22 -1.48 -0.68 -5.62
CA TYR A 22 -1.44 -0.30 -4.21
C TYR A 22 -0.20 -0.86 -3.54
N LYS A 23 0.12 -2.10 -3.84
CA LYS A 23 1.28 -2.77 -3.24
C LYS A 23 2.57 -1.95 -3.36
N TYR A 24 2.83 -1.41 -4.55
CA TYR A 24 4.08 -0.65 -4.78
C TYR A 24 3.89 0.88 -4.82
N THR A 25 2.88 1.36 -5.54
CA THR A 25 2.69 2.81 -5.71
C THR A 25 1.77 3.50 -4.70
N ASN A 26 0.61 2.91 -4.40
CA ASN A 26 -0.32 3.54 -3.45
C ASN A 26 0.06 3.24 -2.00
N CYS A 27 0.65 2.07 -1.75
CA CYS A 27 1.09 1.69 -0.41
C CYS A 27 2.59 1.44 -0.41
N LYS A 28 3.33 2.45 0.00
CA LYS A 28 4.79 2.41 0.04
C LYS A 28 5.31 1.51 1.16
N LYS A 29 4.75 1.64 2.36
CA LYS A 29 5.18 0.82 3.51
C LYS A 29 4.05 -0.08 4.04
N THR A 30 2.80 0.37 3.89
CA THR A 30 1.64 -0.37 4.41
C THR A 30 1.48 -1.78 3.85
N CYS A 31 1.57 -1.95 2.53
CA CYS A 31 1.41 -3.29 1.94
C CYS A 31 2.68 -4.15 2.07
N GLY A 32 3.64 -3.71 2.91
CA GLY A 32 4.88 -4.46 3.09
C GLY A 32 5.79 -4.46 1.88
N THR A 33 5.74 -3.40 1.08
CA THR A 33 6.59 -3.31 -0.12
C THR A 33 7.94 -2.66 0.19
N CYS A 34 7.94 -1.56 0.94
CA CYS A 34 9.17 -0.85 1.29
C CYS A 34 9.49 -1.01 2.79
N ALA A 1 12.09 7.87 -1.14
CA ALA A 1 11.67 6.86 -2.15
C ALA A 1 10.25 6.38 -1.87
N CYS A 2 10.03 5.85 -0.66
CA CYS A 2 8.71 5.35 -0.27
C CYS A 2 8.30 5.92 1.10
N LYS A 3 7.06 6.43 1.17
CA LYS A 3 6.51 7.03 2.40
C LYS A 3 5.02 6.75 2.46
N ASP A 4 4.39 7.06 3.59
CA ASP A 4 2.95 6.80 3.73
C ASP A 4 2.10 7.58 2.74
N TYR A 5 1.09 6.90 2.19
CA TYR A 5 0.18 7.50 1.22
C TYR A 5 -0.94 8.25 1.93
N LEU A 6 -1.48 7.63 2.99
CA LEU A 6 -2.59 8.20 3.77
C LEU A 6 -2.84 7.28 4.99
N PRO A 7 -3.89 7.52 5.81
CA PRO A 7 -4.18 6.67 6.99
C PRO A 7 -4.34 5.19 6.60
N LYS A 8 -4.18 4.31 7.59
CA LYS A 8 -4.30 2.85 7.36
C LYS A 8 -5.65 2.46 6.74
N SER A 9 -6.67 3.31 6.94
CA SER A 9 -8.02 3.05 6.42
C SER A 9 -8.07 2.99 4.89
N GLU A 10 -7.14 3.67 4.21
CA GLU A 10 -7.12 3.67 2.74
C GLU A 10 -6.31 2.50 2.15
N CYS A 11 -5.38 1.95 2.94
CA CYS A 11 -4.58 0.81 2.48
C CYS A 11 -4.88 -0.39 3.37
N THR A 12 -5.39 -1.46 2.76
CA THR A 12 -5.76 -2.67 3.49
C THR A 12 -5.11 -3.91 2.89
N GLN A 13 -5.24 -5.04 3.60
CA GLN A 13 -4.69 -6.31 3.11
C GLN A 13 -5.32 -6.71 1.78
N PHE A 14 -6.57 -6.26 1.52
CA PHE A 14 -7.25 -6.58 0.25
C PHE A 14 -6.47 -6.05 -0.95
N ARG A 15 -5.73 -4.97 -0.73
CA ARG A 15 -4.94 -4.34 -1.78
C ARG A 15 -3.70 -5.16 -2.15
N CYS A 16 -3.19 -5.95 -1.20
CA CYS A 16 -1.99 -6.76 -1.45
C CYS A 16 -2.31 -8.04 -2.23
N ARG A 17 -3.56 -8.50 -2.11
CA ARG A 17 -4.00 -9.73 -2.77
C ARG A 17 -4.56 -9.49 -4.17
N THR A 18 -5.25 -8.35 -4.39
CA THR A 18 -5.86 -8.05 -5.69
C THR A 18 -5.29 -6.82 -6.40
N SER A 19 -4.74 -5.87 -5.63
CA SER A 19 -4.22 -4.63 -6.22
C SER A 19 -2.70 -4.57 -6.29
N MET A 20 -2.16 -4.71 -7.51
CA MET A 20 -0.71 -4.63 -7.73
C MET A 20 -0.25 -3.17 -7.59
N LYS A 21 -1.11 -2.24 -8.04
CA LYS A 21 -0.80 -0.80 -7.97
C LYS A 21 -0.60 -0.34 -6.52
N TYR A 22 -1.53 -0.72 -5.65
CA TYR A 22 -1.45 -0.33 -4.24
C TYR A 22 -0.18 -0.86 -3.59
N LYS A 23 0.13 -2.11 -3.88
CA LYS A 23 1.32 -2.76 -3.29
C LYS A 23 2.60 -1.94 -3.51
N TYR A 24 2.77 -1.37 -4.70
CA TYR A 24 3.98 -0.61 -5.01
C TYR A 24 3.80 0.92 -5.02
N THR A 25 2.74 1.41 -5.68
CA THR A 25 2.54 2.86 -5.84
C THR A 25 1.64 3.52 -4.79
N ASN A 26 0.50 2.92 -4.46
CA ASN A 26 -0.42 3.52 -3.48
C ASN A 26 0.00 3.22 -2.04
N CYS A 27 0.62 2.06 -1.81
CA CYS A 27 1.07 1.67 -0.47
C CYS A 27 2.58 1.45 -0.49
N LYS A 28 3.32 2.47 -0.07
CA LYS A 28 4.77 2.43 -0.04
C LYS A 28 5.32 1.53 1.07
N LYS A 29 4.78 1.66 2.28
CA LYS A 29 5.23 0.85 3.42
C LYS A 29 4.11 -0.05 3.97
N THR A 30 2.85 0.39 3.84
CA THR A 30 1.71 -0.34 4.38
C THR A 30 1.54 -1.76 3.84
N CYS A 31 1.63 -1.94 2.52
CA CYS A 31 1.46 -3.28 1.95
C CYS A 31 2.74 -4.14 2.05
N GLY A 32 3.70 -3.71 2.89
CA GLY A 32 4.93 -4.47 3.07
C GLY A 32 5.85 -4.46 1.86
N THR A 33 5.80 -3.39 1.06
CA THR A 33 6.63 -3.29 -0.14
C THR A 33 7.98 -2.62 0.16
N CYS A 34 7.95 -1.52 0.93
CA CYS A 34 9.17 -0.78 1.28
C CYS A 34 9.55 -1.04 2.73
N ALA A 1 11.79 4.96 -4.67
CA ALA A 1 11.39 5.61 -3.39
C ALA A 1 9.91 5.43 -3.12
N CYS A 2 9.55 5.32 -1.84
CA CYS A 2 8.15 5.14 -1.43
C CYS A 2 7.77 6.14 -0.33
N LYS A 3 6.48 6.50 -0.27
CA LYS A 3 5.97 7.43 0.72
C LYS A 3 4.55 7.04 1.13
N ASP A 4 4.15 7.44 2.33
CA ASP A 4 2.80 7.10 2.82
C ASP A 4 1.72 7.78 2.00
N TYR A 5 0.68 7.00 1.66
CA TYR A 5 -0.43 7.52 0.88
C TYR A 5 -1.47 8.19 1.77
N LEU A 6 -1.79 7.54 2.89
CA LEU A 6 -2.78 8.04 3.86
C LEU A 6 -2.81 7.07 5.06
N PRO A 7 -3.73 7.24 6.05
CA PRO A 7 -3.81 6.33 7.21
C PRO A 7 -3.99 4.87 6.77
N LYS A 8 -3.68 3.94 7.67
CA LYS A 8 -3.79 2.50 7.39
C LYS A 8 -5.20 2.10 6.96
N SER A 9 -6.20 2.89 7.34
CA SER A 9 -7.61 2.60 7.00
C SER A 9 -7.87 2.62 5.48
N GLU A 10 -7.08 3.37 4.71
CA GLU A 10 -7.28 3.46 3.26
C GLU A 10 -6.56 2.34 2.49
N CYS A 11 -5.50 1.77 3.10
CA CYS A 11 -4.76 0.68 2.47
C CYS A 11 -4.90 -0.58 3.33
N THR A 12 -5.43 -1.64 2.73
CA THR A 12 -5.67 -2.90 3.45
C THR A 12 -5.04 -4.08 2.72
N GLN A 13 -5.06 -5.25 3.37
CA GLN A 13 -4.50 -6.47 2.80
C GLN A 13 -5.15 -6.79 1.44
N PHE A 14 -6.41 -6.35 1.24
CA PHE A 14 -7.10 -6.60 -0.04
C PHE A 14 -6.33 -5.99 -1.22
N ARG A 15 -5.59 -4.93 -0.94
CA ARG A 15 -4.80 -4.24 -1.96
C ARG A 15 -3.56 -5.05 -2.34
N CYS A 16 -3.05 -5.88 -1.42
CA CYS A 16 -1.86 -6.68 -1.67
C CYS A 16 -2.16 -7.89 -2.55
N ARG A 17 -3.40 -8.36 -2.51
CA ARG A 17 -3.82 -9.53 -3.27
C ARG A 17 -4.34 -9.19 -4.67
N THR A 18 -5.03 -8.04 -4.81
CA THR A 18 -5.60 -7.66 -6.11
C THR A 18 -5.02 -6.38 -6.70
N SER A 19 -4.49 -5.49 -5.86
CA SER A 19 -3.95 -4.21 -6.34
C SER A 19 -2.42 -4.15 -6.34
N MET A 20 -1.84 -4.27 -7.54
CA MET A 20 -0.38 -4.18 -7.69
C MET A 20 0.08 -2.72 -7.50
N LYS A 21 -0.80 -1.78 -7.89
CA LYS A 21 -0.52 -0.34 -7.77
C LYS A 21 -0.37 0.09 -6.31
N TYR A 22 -1.31 -0.32 -5.48
CA TYR A 22 -1.29 0.04 -4.06
C TYR A 22 -0.06 -0.53 -3.36
N LYS A 23 0.26 -1.77 -3.68
CA LYS A 23 1.39 -2.46 -3.05
C LYS A 23 2.70 -1.66 -3.13
N TYR A 24 3.08 -1.22 -4.34
CA TYR A 24 4.35 -0.51 -4.55
C TYR A 24 4.21 1.00 -4.78
N THR A 25 3.12 1.46 -5.41
CA THR A 25 2.98 2.89 -5.73
C THR A 25 2.27 3.71 -4.66
N ASN A 26 1.15 3.22 -4.11
CA ASN A 26 0.40 4.01 -3.11
C ASN A 26 0.68 3.59 -1.65
N CYS A 27 0.90 2.31 -1.40
CA CYS A 27 1.18 1.84 -0.04
C CYS A 27 2.67 1.64 0.18
N LYS A 28 3.30 2.62 0.82
CA LYS A 28 4.73 2.59 1.10
C LYS A 28 5.09 1.56 2.16
N LYS A 29 4.39 1.61 3.30
CA LYS A 29 4.65 0.67 4.40
C LYS A 29 3.44 -0.22 4.71
N THR A 30 2.24 0.28 4.42
CA THR A 30 1.01 -0.43 4.72
C THR A 30 0.91 -1.83 4.12
N CYS A 31 1.20 -1.98 2.82
CA CYS A 31 1.10 -3.30 2.19
C CYS A 31 2.39 -4.14 2.40
N GLY A 32 3.27 -3.69 3.31
CA GLY A 32 4.49 -4.42 3.59
C GLY A 32 5.48 -4.41 2.45
N THR A 33 5.47 -3.33 1.64
CA THR A 33 6.38 -3.23 0.50
C THR A 33 7.75 -2.67 0.90
N CYS A 34 7.75 -1.60 1.72
CA CYS A 34 9.00 -0.98 2.17
C CYS A 34 9.23 -1.24 3.67
N ALA A 1 11.97 6.83 -3.61
CA ALA A 1 11.69 6.80 -2.15
C ALA A 1 10.27 6.33 -1.86
N CYS A 2 10.03 5.86 -0.63
CA CYS A 2 8.72 5.36 -0.22
C CYS A 2 8.30 6.01 1.11
N LYS A 3 7.05 6.50 1.14
CA LYS A 3 6.49 7.15 2.33
C LYS A 3 5.00 6.84 2.41
N ASP A 4 4.37 7.09 3.55
CA ASP A 4 2.95 6.79 3.71
C ASP A 4 2.07 7.59 2.74
N TYR A 5 1.05 6.92 2.21
CA TYR A 5 0.12 7.52 1.27
C TYR A 5 -1.00 8.26 2.01
N LEU A 6 -1.51 7.62 3.05
CA LEU A 6 -2.61 8.16 3.87
C LEU A 6 -2.84 7.24 5.07
N PRO A 7 -3.88 7.47 5.92
CA PRO A 7 -4.15 6.60 7.08
C PRO A 7 -4.31 5.13 6.67
N LYS A 8 -4.15 4.23 7.65
CA LYS A 8 -4.26 2.77 7.42
C LYS A 8 -5.63 2.39 6.83
N SER A 9 -6.64 3.24 7.02
CA SER A 9 -8.00 2.97 6.53
C SER A 9 -8.08 2.91 5.00
N GLU A 10 -7.19 3.65 4.30
CA GLU A 10 -7.22 3.66 2.83
C GLU A 10 -6.41 2.51 2.22
N CYS A 11 -5.44 1.96 2.97
CA CYS A 11 -4.65 0.82 2.49
C CYS A 11 -4.95 -0.39 3.36
N THR A 12 -5.44 -1.45 2.73
CA THR A 12 -5.81 -2.67 3.45
C THR A 12 -5.15 -3.91 2.84
N GLN A 13 -5.29 -5.04 3.51
CA GLN A 13 -4.73 -6.30 3.03
C GLN A 13 -5.35 -6.70 1.69
N PHE A 14 -6.60 -6.25 1.42
CA PHE A 14 -7.27 -6.56 0.16
C PHE A 14 -6.47 -6.03 -1.04
N ARG A 15 -5.72 -4.96 -0.80
CA ARG A 15 -4.92 -4.33 -1.85
C ARG A 15 -3.68 -5.16 -2.21
N CYS A 16 -3.17 -5.93 -1.24
CA CYS A 16 -1.97 -6.75 -1.48
C CYS A 16 -2.29 -8.03 -2.25
N ARG A 17 -3.54 -8.49 -2.16
CA ARG A 17 -3.97 -9.71 -2.82
C ARG A 17 -4.51 -9.46 -4.24
N THR A 18 -5.19 -8.33 -4.46
CA THR A 18 -5.78 -8.04 -5.77
C THR A 18 -5.21 -6.80 -6.46
N SER A 19 -4.67 -5.84 -5.70
CA SER A 19 -4.15 -4.60 -6.27
C SER A 19 -2.61 -4.55 -6.32
N MET A 20 -2.06 -4.69 -7.53
CA MET A 20 -0.60 -4.59 -7.72
C MET A 20 -0.15 -3.14 -7.57
N LYS A 21 -1.00 -2.21 -8.03
CA LYS A 21 -0.70 -0.77 -7.96
C LYS A 21 -0.52 -0.31 -6.51
N TYR A 22 -1.47 -0.69 -5.65
CA TYR A 22 -1.40 -0.30 -4.23
C TYR A 22 -0.15 -0.84 -3.57
N LYS A 23 0.18 -2.09 -3.86
CA LYS A 23 1.36 -2.73 -3.25
C LYS A 23 2.63 -1.91 -3.44
N TYR A 24 2.83 -1.35 -4.63
CA TYR A 24 4.06 -0.58 -4.91
C TYR A 24 3.87 0.94 -4.93
N THR A 25 2.83 1.43 -5.63
CA THR A 25 2.63 2.87 -5.79
C THR A 25 1.71 3.54 -4.75
N ASN A 26 0.57 2.94 -4.44
CA ASN A 26 -0.37 3.55 -3.48
C ASN A 26 0.02 3.25 -2.03
N CYS A 27 0.63 2.09 -1.78
CA CYS A 27 1.06 1.71 -0.44
C CYS A 27 2.56 1.46 -0.44
N LYS A 28 3.31 2.49 -0.02
CA LYS A 28 4.76 2.43 0.03
C LYS A 28 5.28 1.53 1.17
N LYS A 29 4.71 1.68 2.36
CA LYS A 29 5.15 0.88 3.51
C LYS A 29 4.02 -0.02 4.06
N THR A 30 2.77 0.41 3.89
CA THR A 30 1.62 -0.32 4.42
C THR A 30 1.47 -1.74 3.87
N CYS A 31 1.57 -1.93 2.56
CA CYS A 31 1.40 -3.26 1.98
C CYS A 31 2.69 -4.11 2.10
N GLY A 32 3.63 -3.69 2.96
CA GLY A 32 4.86 -4.45 3.16
C GLY A 32 5.79 -4.43 1.96
N THR A 33 5.75 -3.36 1.17
CA THR A 33 6.62 -3.26 -0.02
C THR A 33 7.96 -2.58 0.31
N CYS A 34 7.91 -1.48 1.07
CA CYS A 34 9.12 -0.75 1.45
C CYS A 34 9.46 -0.98 2.92
N ALA A 1 12.03 6.74 -2.68
CA ALA A 1 11.48 5.54 -3.37
C ALA A 1 9.99 5.39 -3.12
N CYS A 2 9.61 5.28 -1.83
CA CYS A 2 8.21 5.13 -1.44
C CYS A 2 7.83 6.13 -0.35
N LYS A 3 6.54 6.50 -0.32
CA LYS A 3 6.02 7.44 0.67
C LYS A 3 4.61 7.04 1.07
N ASP A 4 4.19 7.46 2.27
CA ASP A 4 2.86 7.12 2.77
C ASP A 4 1.77 7.80 1.96
N TYR A 5 0.72 7.04 1.62
CA TYR A 5 -0.40 7.55 0.85
C TYR A 5 -1.42 8.23 1.76
N LEU A 6 -1.72 7.57 2.87
CA LEU A 6 -2.71 8.05 3.86
C LEU A 6 -2.73 7.08 5.06
N PRO A 7 -3.63 7.26 6.06
CA PRO A 7 -3.71 6.34 7.21
C PRO A 7 -3.89 4.89 6.77
N LYS A 8 -3.57 3.94 7.66
CA LYS A 8 -3.70 2.50 7.36
C LYS A 8 -5.13 2.11 6.97
N SER A 9 -6.13 2.94 7.34
CA SER A 9 -7.52 2.65 7.03
C SER A 9 -7.82 2.64 5.52
N GLU A 10 -7.07 3.41 4.72
CA GLU A 10 -7.30 3.47 3.28
C GLU A 10 -6.58 2.36 2.50
N CYS A 11 -5.52 1.80 3.09
CA CYS A 11 -4.78 0.70 2.46
C CYS A 11 -4.91 -0.55 3.32
N THR A 12 -5.46 -1.62 2.74
CA THR A 12 -5.69 -2.87 3.45
C THR A 12 -5.05 -4.05 2.73
N GLN A 13 -5.08 -5.22 3.39
CA GLN A 13 -4.53 -6.46 2.82
C GLN A 13 -5.19 -6.78 1.47
N PHE A 14 -6.44 -6.33 1.27
CA PHE A 14 -7.14 -6.59 -0.01
C PHE A 14 -6.36 -6.01 -1.18
N ARG A 15 -5.61 -4.94 -0.92
CA ARG A 15 -4.82 -4.27 -1.95
C ARG A 15 -3.58 -5.09 -2.33
N CYS A 16 -3.08 -5.90 -1.41
CA CYS A 16 -1.89 -6.72 -1.65
C CYS A 16 -2.19 -7.94 -2.52
N ARG A 17 -3.45 -8.40 -2.46
CA ARG A 17 -3.88 -9.58 -3.22
C ARG A 17 -4.41 -9.24 -4.61
N THR A 18 -5.10 -8.10 -4.75
CA THR A 18 -5.70 -7.71 -6.04
C THR A 18 -5.13 -6.43 -6.64
N SER A 19 -4.47 -5.58 -5.82
CA SER A 19 -3.95 -4.30 -6.32
C SER A 19 -2.42 -4.24 -6.34
N MET A 20 -1.84 -4.36 -7.53
CA MET A 20 -0.39 -4.26 -7.69
C MET A 20 0.05 -2.80 -7.52
N LYS A 21 -0.83 -1.86 -7.91
CA LYS A 21 -0.56 -0.42 -7.81
C LYS A 21 -0.40 0.02 -6.35
N TYR A 22 -1.35 -0.37 -5.51
CA TYR A 22 -1.33 0.00 -4.10
C TYR A 22 -0.11 -0.56 -3.39
N LYS A 23 0.22 -1.81 -3.70
CA LYS A 23 1.35 -2.49 -3.06
C LYS A 23 2.67 -1.69 -3.16
N TYR A 24 3.05 -1.27 -4.38
CA TYR A 24 4.30 -0.55 -4.58
C TYR A 24 4.16 0.96 -4.82
N THR A 25 3.08 1.39 -5.46
CA THR A 25 2.93 2.83 -5.80
C THR A 25 2.21 3.66 -4.74
N ASN A 26 1.10 3.17 -4.18
CA ASN A 26 0.35 3.96 -3.19
C ASN A 26 0.63 3.56 -1.73
N CYS A 27 0.88 2.29 -1.47
CA CYS A 27 1.14 1.83 -0.10
C CYS A 27 2.64 1.63 0.11
N LYS A 28 3.27 2.61 0.75
CA LYS A 28 4.72 2.59 1.01
C LYS A 28 5.07 1.55 2.07
N LYS A 29 4.39 1.61 3.21
CA LYS A 29 4.65 0.68 4.32
C LYS A 29 3.45 -0.22 4.63
N THR A 30 2.24 0.29 4.36
CA THR A 30 1.01 -0.42 4.68
C THR A 30 0.91 -1.83 4.07
N CYS A 31 1.19 -1.98 2.77
CA CYS A 31 1.09 -3.30 2.14
C CYS A 31 2.36 -4.15 2.35
N GLY A 32 3.26 -3.70 3.26
CA GLY A 32 4.48 -4.44 3.54
C GLY A 32 5.47 -4.42 2.39
N THR A 33 5.45 -3.36 1.58
CA THR A 33 6.36 -3.25 0.43
C THR A 33 7.73 -2.70 0.85
N CYS A 34 7.74 -1.64 1.67
CA CYS A 34 8.99 -1.03 2.13
C CYS A 34 9.23 -1.33 3.61
N ALA A 1 11.93 6.93 -3.57
CA ALA A 1 11.65 6.92 -2.11
C ALA A 1 10.24 6.43 -1.83
N CYS A 2 10.02 5.90 -0.63
CA CYS A 2 8.71 5.38 -0.21
C CYS A 2 8.31 5.96 1.15
N LYS A 3 7.07 6.47 1.23
CA LYS A 3 6.52 7.06 2.45
C LYS A 3 5.04 6.77 2.53
N ASP A 4 4.41 7.06 3.66
CA ASP A 4 2.97 6.78 3.82
C ASP A 4 2.12 7.58 2.83
N TYR A 5 1.11 6.89 2.28
CA TYR A 5 0.20 7.49 1.31
C TYR A 5 -0.93 8.23 2.03
N LEU A 6 -1.47 7.60 3.08
CA LEU A 6 -2.58 8.15 3.87
C LEU A 6 -2.84 7.21 5.06
N PRO A 7 -3.90 7.46 5.89
CA PRO A 7 -4.20 6.60 7.05
C PRO A 7 -4.37 5.12 6.64
N LYS A 8 -4.23 4.22 7.62
CA LYS A 8 -4.36 2.77 7.38
C LYS A 8 -5.72 2.39 6.76
N SER A 9 -6.72 3.26 6.91
CA SER A 9 -8.06 3.00 6.37
C SER A 9 -8.09 2.95 4.84
N GLU A 10 -7.17 3.67 4.17
CA GLU A 10 -7.13 3.68 2.70
C GLU A 10 -6.33 2.52 2.11
N CYS A 11 -5.41 1.94 2.90
CA CYS A 11 -4.62 0.79 2.45
C CYS A 11 -4.93 -0.40 3.35
N THR A 12 -5.44 -1.47 2.75
CA THR A 12 -5.81 -2.68 3.48
C THR A 12 -5.18 -3.92 2.87
N GLN A 13 -5.30 -5.05 3.57
CA GLN A 13 -4.76 -6.32 3.08
C GLN A 13 -5.38 -6.71 1.74
N PHE A 14 -6.61 -6.24 1.46
CA PHE A 14 -7.27 -6.55 0.18
C PHE A 14 -6.47 -6.02 -1.01
N ARG A 15 -5.73 -4.93 -0.77
CA ARG A 15 -4.92 -4.31 -1.81
C ARG A 15 -3.69 -5.13 -2.17
N CYS A 16 -3.18 -5.92 -1.21
CA CYS A 16 -1.98 -6.73 -1.44
C CYS A 16 -2.31 -8.02 -2.22
N ARG A 17 -3.55 -8.48 -2.11
CA ARG A 17 -3.99 -9.70 -2.78
C ARG A 17 -4.53 -9.46 -4.19
N THR A 18 -5.21 -8.33 -4.40
CA THR A 18 -5.81 -8.04 -5.72
C THR A 18 -5.24 -6.80 -6.41
N SER A 19 -4.69 -5.84 -5.65
CA SER A 19 -4.17 -4.61 -6.23
C SER A 19 -2.64 -4.55 -6.29
N MET A 20 -2.08 -4.70 -7.50
CA MET A 20 -0.64 -4.61 -7.70
C MET A 20 -0.18 -3.15 -7.57
N LYS A 21 -1.04 -2.22 -8.02
CA LYS A 21 -0.74 -0.78 -7.94
C LYS A 21 -0.55 -0.32 -6.51
N TYR A 22 -1.48 -0.69 -5.63
CA TYR A 22 -1.42 -0.31 -4.23
C TYR A 22 -0.17 -0.84 -3.56
N LYS A 23 0.17 -2.10 -3.86
CA LYS A 23 1.34 -2.73 -3.27
C LYS A 23 2.62 -1.91 -3.43
N TYR A 24 2.83 -1.35 -4.63
CA TYR A 24 4.05 -0.58 -4.90
C TYR A 24 3.85 0.95 -4.94
N THR A 25 2.81 1.42 -5.63
CA THR A 25 2.59 2.87 -5.80
C THR A 25 1.69 3.54 -4.76
N ASN A 26 0.55 2.93 -4.43
CA ASN A 26 -0.37 3.54 -3.47
C ASN A 26 0.02 3.25 -2.01
N CYS A 27 0.63 2.08 -1.78
CA CYS A 27 1.08 1.69 -0.44
C CYS A 27 2.58 1.47 -0.44
N LYS A 28 3.31 2.49 -0.01
CA LYS A 28 4.77 2.45 0.03
C LYS A 28 5.30 1.55 1.15
N LYS A 29 4.74 1.68 2.35
CA LYS A 29 5.18 0.85 3.50
C LYS A 29 4.06 -0.05 4.02
N THR A 30 2.80 0.39 3.87
CA THR A 30 1.66 -0.36 4.40
C THR A 30 1.51 -1.77 3.84
N CYS A 31 1.61 -1.94 2.52
CA CYS A 31 1.45 -3.27 1.93
C CYS A 31 2.74 -4.13 2.04
N GLY A 32 3.68 -3.70 2.90
CA GLY A 32 4.92 -4.46 3.09
C GLY A 32 5.84 -4.43 1.89
N THR A 33 5.79 -3.35 1.10
CA THR A 33 6.65 -3.23 -0.08
C THR A 33 7.99 -2.55 0.24
N CYS A 34 7.93 -1.45 1.02
CA CYS A 34 9.14 -0.71 1.40
C CYS A 34 9.47 -0.92 2.87
#